data_7CTW
#
_entry.id   7CTW
#
_cell.length_a   56.185
_cell.length_b   154.730
_cell.length_c   163.816
_cell.angle_alpha   90.000
_cell.angle_beta   90.000
_cell.angle_gamma   90.000
#
_symmetry.space_group_name_H-M   'P 21 21 21'
#
loop_
_entity.id
_entity.type
_entity.pdbx_description
1 polymer 'Bifunctional dihydrofolate reductase-thymidylate synthase'
2 non-polymer 'NADPH DIHYDRO-NICOTINAMIDE-ADENINE-DINUCLEOTIDE PHOSPHATE'
3 non-polymer 1-(2-methylsulfanylphenyl)piperazine
4 non-polymer 'PHOSPHATE ION'
5 water water
#
_entity_poly.entity_id   1
_entity_poly.type   'polypeptide(L)'
_entity_poly.pdbx_seq_one_letter_code
;MMEQVCDVFDIYAICACCKVESKNEGKKNEVFNNYTFRGLGNKGVLPWKCNSLDMKYFCAVTTYVNESKYEKLKYKRCKY
LNKETVDNVNDMPNSKKLQNVVVMGRTSWESIPKKFKPLSNRINVILSRTLKKEDFDEDVYIINKVEDLIVLLGKLNYYK
CFIIGGSVVYQEFLEKKLIKKIYFTRINSTYECDVFFPEINENEYQIISVSDVYTSNNTTLDFIIYKKTNNKMLNEQNCI
KGEEKNNDMPLKNDDKDTCHMKKLTEFYKNVDKYKINYENDDDDEEEDDFVYFNFNKEKEEKNKNSIHPNDFQIYNSLKY
KYHPEYQYLNIIYDIMMNGNKQSDRTGVGVLSKFGYIMKFDLSQYFPLLTTKKLFLRGIIEELLWFIRGETNGNTLLNKN
VRIWEANGTREFLDNRKLFHREVNDLGPIYGFQWRHFGAEYTNMYDNYENKGVDQLKNIINLIKNDPTSRRILLCAWNVK
DLDQMALPPCHILCQFYVFDGKLSCIMYQRSCDLGLGVPFNIASYSIFTHMIAQVCNLQPAQFIHVLGNAHVYNNHIDSL
KIQLNRIPYPFPTLKLNPDIKNIEDFTISDFTIQNYVHHEKISMDMAA
;
_entity_poly.pdbx_strand_id   A,B
#
loop_
_chem_comp.id
_chem_comp.type
_chem_comp.name
_chem_comp.formula
GEX non-polymer 1-(2-methylsulfanylphenyl)piperazine 'C11 H16 N2 S'
NDP non-polymer 'NADPH DIHYDRO-NICOTINAMIDE-ADENINE-DINUCLEOTIDE PHOSPHATE' 'C21 H30 N7 O17 P3'
PO4 non-polymer 'PHOSPHATE ION' 'O4 P -3'
#
# COMPACT_ATOMS: atom_id res chain seq x y z
N GLU A 3 5.90 -15.13 -38.23
CA GLU A 3 4.99 -13.92 -38.12
C GLU A 3 3.56 -14.29 -38.54
N GLN A 4 2.72 -14.76 -37.60
CA GLN A 4 1.28 -15.07 -37.86
C GLN A 4 0.49 -13.77 -38.01
N VAL A 5 -0.62 -13.85 -38.74
CA VAL A 5 -1.35 -12.68 -39.33
C VAL A 5 -1.86 -11.77 -38.21
N CYS A 6 -2.19 -12.33 -37.04
CA CYS A 6 -2.82 -11.58 -35.92
C CYS A 6 -1.81 -10.62 -35.28
N ASP A 7 -0.52 -10.96 -35.23
CA ASP A 7 0.50 -10.09 -34.58
C ASP A 7 0.81 -8.91 -35.48
N VAL A 8 0.82 -9.13 -36.80
CA VAL A 8 1.23 -8.09 -37.79
C VAL A 8 0.12 -7.05 -37.84
N PHE A 9 -1.12 -7.56 -38.01
CA PHE A 9 -2.34 -6.77 -38.27
C PHE A 9 -3.10 -6.47 -37.00
N ASP A 10 -2.62 -6.98 -35.85
CA ASP A 10 -3.14 -6.69 -34.48
C ASP A 10 -4.66 -6.91 -34.47
N ILE A 11 -5.07 -8.16 -34.71
CA ILE A 11 -6.48 -8.61 -34.74
C ILE A 11 -6.83 -9.10 -33.32
N TYR A 12 -7.81 -8.47 -32.69
CA TYR A 12 -8.28 -8.83 -31.33
C TYR A 12 -9.78 -9.01 -31.37
N ALA A 13 -10.29 -9.78 -30.39
CA ALA A 13 -11.72 -9.99 -30.10
C ALA A 13 -12.07 -9.25 -28.82
N ILE A 14 -13.24 -8.62 -28.83
CA ILE A 14 -13.90 -8.11 -27.61
C ILE A 14 -15.33 -8.60 -27.63
N CYS A 15 -15.74 -9.19 -26.51
CA CYS A 15 -17.07 -9.79 -26.30
C CYS A 15 -17.50 -9.47 -24.88
N ALA A 16 -18.79 -9.63 -24.58
CA ALA A 16 -19.33 -9.58 -23.21
C ALA A 16 -20.26 -10.78 -23.04
N CYS A 17 -20.00 -11.66 -22.06
CA CYS A 17 -20.79 -12.90 -21.84
C CYS A 17 -21.42 -12.93 -20.44
N CYS A 18 -22.68 -13.34 -20.38
CA CYS A 18 -23.43 -13.62 -19.14
C CYS A 18 -23.49 -15.14 -18.94
N LYS A 19 -24.04 -15.60 -17.81
CA LYS A 19 -24.24 -17.04 -17.47
C LYS A 19 -25.61 -17.47 -18.01
N VAL A 20 -25.82 -18.74 -18.39
CA VAL A 20 -27.08 -19.11 -19.11
C VAL A 20 -27.96 -20.03 -18.25
N GLU A 21 -29.29 -19.87 -18.41
CA GLU A 21 -30.34 -20.62 -17.68
C GLU A 21 -30.08 -22.12 -17.79
N VAL A 31 -20.87 -27.54 -10.84
CA VAL A 31 -19.42 -27.19 -10.97
C VAL A 31 -19.29 -26.03 -11.96
N PHE A 32 -19.11 -24.79 -11.45
CA PHE A 32 -18.88 -23.54 -12.23
C PHE A 32 -17.46 -23.53 -12.83
N ASN A 33 -17.34 -23.11 -14.10
CA ASN A 33 -16.07 -23.00 -14.87
C ASN A 33 -16.10 -21.68 -15.67
N ASN A 34 -15.07 -21.39 -16.48
CA ASN A 34 -14.91 -20.10 -17.23
C ASN A 34 -15.72 -20.13 -18.54
N TYR A 35 -16.21 -21.32 -18.95
CA TYR A 35 -17.29 -21.50 -19.94
C TYR A 35 -18.67 -21.55 -19.25
N THR A 36 -18.80 -20.98 -18.04
CA THR A 36 -20.11 -20.59 -17.45
C THR A 36 -20.46 -19.21 -18.02
N PHE A 37 -19.45 -18.35 -18.19
CA PHE A 37 -19.58 -17.05 -18.90
C PHE A 37 -19.42 -17.32 -20.39
N ARG A 38 -20.52 -17.22 -21.14
CA ARG A 38 -20.63 -17.74 -22.53
C ARG A 38 -21.94 -17.31 -23.21
N GLY A 39 -22.87 -16.66 -22.51
CA GLY A 39 -24.12 -16.15 -23.11
C GLY A 39 -23.90 -14.81 -23.78
N LEU A 40 -24.11 -14.72 -25.10
CA LEU A 40 -23.79 -13.54 -25.95
C LEU A 40 -25.04 -12.71 -26.27
N GLY A 41 -26.15 -13.36 -26.64
CA GLY A 41 -27.32 -12.69 -27.25
C GLY A 41 -28.59 -13.51 -27.19
N ASN A 42 -29.75 -12.85 -27.24
CA ASN A 42 -31.10 -13.50 -27.21
C ASN A 42 -32.04 -12.81 -28.21
N LYS A 43 -32.73 -13.59 -29.05
CA LYS A 43 -33.70 -13.07 -30.05
C LYS A 43 -33.12 -11.81 -30.74
N GLY A 44 -31.86 -11.86 -31.17
CA GLY A 44 -31.22 -10.83 -32.01
C GLY A 44 -30.69 -9.62 -31.23
N VAL A 45 -30.74 -9.65 -29.89
CA VAL A 45 -30.29 -8.54 -29.00
C VAL A 45 -29.53 -9.12 -27.82
N LEU A 46 -29.07 -8.26 -26.89
CA LEU A 46 -28.28 -8.70 -25.71
C LEU A 46 -29.25 -9.33 -24.69
N PRO A 47 -28.81 -10.36 -23.94
CA PRO A 47 -29.64 -11.01 -22.93
C PRO A 47 -30.08 -10.06 -21.79
N TRP A 48 -29.11 -9.43 -21.15
CA TRP A 48 -29.26 -8.14 -20.44
C TRP A 48 -29.61 -7.11 -21.51
N LYS A 49 -30.33 -6.05 -21.17
CA LYS A 49 -30.79 -5.04 -22.16
C LYS A 49 -29.60 -4.12 -22.47
N CYS A 50 -29.17 -3.32 -21.49
CA CYS A 50 -28.01 -2.41 -21.60
C CYS A 50 -27.14 -2.52 -20.34
N ASN A 51 -25.82 -2.65 -20.51
CA ASN A 51 -24.82 -2.45 -19.43
C ASN A 51 -23.95 -1.23 -19.75
N SER A 52 -24.12 -0.13 -18.99
CA SER A 52 -23.47 1.18 -19.21
C SER A 52 -21.96 1.07 -19.12
N LEU A 53 -21.49 0.31 -18.13
CA LEU A 53 -20.05 0.15 -17.91
C LEU A 53 -19.49 -0.77 -19.01
N ASP A 54 -20.15 -1.89 -19.34
CA ASP A 54 -19.69 -2.79 -20.45
C ASP A 54 -19.52 -1.96 -21.73
N MET A 55 -20.51 -1.09 -21.98
CA MET A 55 -20.56 -0.12 -23.10
C MET A 55 -19.34 0.80 -23.05
N LYS A 56 -19.11 1.43 -21.91
CA LYS A 56 -18.03 2.45 -21.77
C LYS A 56 -16.67 1.77 -21.94
N TYR A 57 -16.51 0.52 -21.48
CA TYR A 57 -15.26 -0.27 -21.61
C TYR A 57 -14.99 -0.56 -23.09
N PHE A 58 -16.01 -1.12 -23.74
CA PHE A 58 -16.04 -1.33 -25.21
C PHE A 58 -15.68 -0.04 -25.96
N CYS A 59 -16.34 1.09 -25.66
CA CYS A 59 -16.07 2.39 -26.32
C CYS A 59 -14.59 2.70 -26.15
N ALA A 60 -14.08 2.58 -24.93
CA ALA A 60 -12.70 2.94 -24.54
C ALA A 60 -11.70 2.08 -25.33
N VAL A 61 -11.85 0.75 -25.29
CA VAL A 61 -10.89 -0.22 -25.89
C VAL A 61 -10.87 -0.06 -27.42
N THR A 62 -12.03 0.04 -28.05
CA THR A 62 -12.15 0.00 -29.54
C THR A 62 -11.81 1.37 -30.16
N THR A 63 -11.91 2.46 -29.41
CA THR A 63 -11.67 3.85 -29.90
C THR A 63 -10.31 4.35 -29.44
N TYR A 64 -9.57 3.59 -28.61
CA TYR A 64 -8.24 4.02 -28.12
C TYR A 64 -7.20 3.67 -29.17
N VAL A 65 -6.44 4.69 -29.54
CA VAL A 65 -5.19 4.62 -30.36
C VAL A 65 -4.15 5.48 -29.66
N ASN A 66 -2.88 5.19 -29.96
CA ASN A 66 -1.66 5.89 -29.51
C ASN A 66 -0.78 6.09 -30.74
N GLU A 67 -0.62 7.34 -31.19
CA GLU A 67 -0.02 7.67 -32.51
C GLU A 67 1.49 7.36 -32.54
N SER A 68 2.20 7.52 -31.41
CA SER A 68 3.63 7.10 -31.27
C SER A 68 3.83 5.73 -31.91
N LYS A 69 3.09 4.73 -31.41
CA LYS A 69 3.30 3.30 -31.71
C LYS A 69 3.07 3.02 -33.19
N TYR A 70 2.28 3.86 -33.88
CA TYR A 70 1.79 3.56 -35.26
C TYR A 70 2.97 3.29 -36.20
N GLU A 71 4.02 4.10 -36.16
CA GLU A 71 5.15 4.02 -37.15
C GLU A 71 5.79 2.62 -37.10
N LYS A 72 5.94 2.03 -35.91
CA LYS A 72 6.48 0.66 -35.71
C LYS A 72 5.53 -0.36 -36.37
N LEU A 73 4.22 -0.15 -36.25
CA LEU A 73 3.17 -1.05 -36.78
C LEU A 73 3.12 -0.90 -38.31
N LYS A 74 3.15 0.35 -38.77
CA LYS A 74 3.12 0.69 -40.21
C LYS A 74 4.33 0.03 -40.87
N TYR A 75 5.48 0.07 -40.18
CA TYR A 75 6.74 -0.60 -40.59
C TYR A 75 6.44 -2.12 -40.68
N LYS A 76 6.41 -2.83 -39.54
CA LYS A 76 6.08 -4.27 -39.39
C LYS A 76 5.14 -4.76 -40.50
N ARG A 77 4.03 -4.04 -40.71
CA ARG A 77 2.98 -4.38 -41.69
C ARG A 77 3.56 -4.35 -43.11
N CYS A 78 4.43 -3.37 -43.40
CA CYS A 78 5.14 -3.24 -44.69
C CYS A 78 6.20 -4.37 -44.78
N LYS A 79 6.99 -4.60 -43.72
CA LYS A 79 7.95 -5.75 -43.64
C LYS A 79 7.20 -7.01 -44.10
N TYR A 80 6.36 -7.59 -43.22
CA TYR A 80 5.66 -8.89 -43.45
C TYR A 80 5.10 -8.95 -44.87
N LEU A 81 4.49 -7.85 -45.31
CA LEU A 81 3.79 -7.74 -46.63
C LEU A 81 4.72 -7.09 -47.66
N ASN A 82 6.02 -7.41 -47.62
CA ASN A 82 7.04 -7.19 -48.67
C ASN A 82 6.86 -5.83 -49.38
N LYS A 83 6.64 -4.75 -48.61
CA LYS A 83 6.49 -3.34 -49.09
C LYS A 83 7.48 -2.45 -48.32
N GLU A 84 7.76 -1.22 -48.77
CA GLU A 84 8.86 -0.38 -48.20
C GLU A 84 8.38 1.06 -47.94
N THR A 85 9.13 1.79 -47.12
CA THR A 85 8.82 3.15 -46.61
C THR A 85 9.12 4.18 -47.71
N LYS A 96 -7.07 11.48 -42.63
CA LYS A 96 -7.93 11.61 -41.43
C LYS A 96 -7.09 11.32 -40.17
N LYS A 97 -7.65 11.54 -38.97
CA LYS A 97 -7.04 11.18 -37.65
C LYS A 97 -7.09 9.66 -37.47
N LEU A 98 -6.11 9.06 -36.78
CA LEU A 98 -5.92 7.58 -36.73
C LEU A 98 -7.09 6.93 -35.99
N GLN A 99 -7.60 5.82 -36.52
CA GLN A 99 -8.73 5.06 -35.97
C GLN A 99 -8.36 3.58 -35.86
N ASN A 100 -9.07 2.83 -35.00
CA ASN A 100 -9.07 1.35 -35.00
C ASN A 100 -10.09 0.84 -36.00
N VAL A 101 -9.96 -0.43 -36.39
CA VAL A 101 -11.00 -1.14 -37.19
C VAL A 101 -11.94 -1.86 -36.21
N VAL A 102 -13.23 -1.89 -36.52
CA VAL A 102 -14.17 -2.87 -35.93
C VAL A 102 -14.76 -3.75 -37.05
N VAL A 103 -15.03 -5.01 -36.73
CA VAL A 103 -15.52 -6.03 -37.69
C VAL A 103 -16.67 -6.77 -37.01
N MET A 104 -17.84 -6.77 -37.64
CA MET A 104 -19.05 -7.42 -37.09
C MET A 104 -19.79 -8.21 -38.19
N GLY A 105 -20.52 -9.25 -37.75
CA GLY A 105 -21.52 -9.94 -38.56
C GLY A 105 -22.66 -8.98 -38.88
N ARG A 106 -23.42 -9.32 -39.91
CA ARG A 106 -24.59 -8.53 -40.38
C ARG A 106 -25.63 -8.51 -39.25
N THR A 107 -25.92 -9.64 -38.60
CA THR A 107 -26.95 -9.73 -37.54
C THR A 107 -26.60 -8.69 -36.49
N SER A 108 -25.37 -8.80 -35.99
CA SER A 108 -24.81 -7.89 -34.98
C SER A 108 -25.04 -6.44 -35.47
N TRP A 109 -24.75 -6.13 -36.75
CA TRP A 109 -24.92 -4.77 -37.35
C TRP A 109 -26.38 -4.33 -37.33
N GLU A 110 -27.32 -5.19 -37.73
CA GLU A 110 -28.77 -4.91 -37.70
C GLU A 110 -29.30 -4.85 -36.27
N SER A 111 -28.58 -5.38 -35.27
CA SER A 111 -28.96 -5.31 -33.84
C SER A 111 -28.65 -3.92 -33.28
N ILE A 112 -27.78 -3.11 -33.89
CA ILE A 112 -27.34 -1.79 -33.34
C ILE A 112 -28.42 -0.70 -33.54
N PRO A 113 -28.77 0.09 -32.49
CA PRO A 113 -29.60 1.29 -32.66
C PRO A 113 -29.18 2.22 -33.82
N LYS A 114 -30.14 2.74 -34.58
CA LYS A 114 -29.85 3.36 -35.91
C LYS A 114 -29.20 4.74 -35.76
N LYS A 115 -29.20 5.32 -34.56
CA LYS A 115 -28.59 6.63 -34.29
C LYS A 115 -27.11 6.42 -33.90
N PHE A 116 -26.75 5.18 -33.60
CA PHE A 116 -25.42 4.78 -33.04
C PHE A 116 -24.55 4.24 -34.18
N LYS A 117 -25.15 3.93 -35.34
CA LYS A 117 -24.48 3.37 -36.54
C LYS A 117 -24.10 4.49 -37.50
N PRO A 118 -22.94 4.46 -38.17
CA PRO A 118 -21.89 3.49 -37.85
C PRO A 118 -21.30 3.83 -36.48
N LEU A 119 -20.63 2.86 -35.86
CA LEU A 119 -19.93 3.08 -34.57
C LEU A 119 -18.94 4.24 -34.76
N SER A 120 -19.12 5.33 -34.01
CA SER A 120 -18.42 6.64 -34.20
C SER A 120 -16.90 6.51 -33.95
N ASN A 121 -16.10 7.20 -34.76
CA ASN A 121 -14.61 7.34 -34.66
C ASN A 121 -13.88 6.01 -34.86
N ARG A 122 -14.52 5.05 -35.53
CA ARG A 122 -13.95 3.71 -35.81
C ARG A 122 -14.24 3.31 -37.26
N ILE A 123 -13.42 2.41 -37.81
CA ILE A 123 -13.58 1.89 -39.19
C ILE A 123 -14.45 0.63 -39.08
N ASN A 124 -15.70 0.77 -39.52
CA ASN A 124 -16.76 -0.25 -39.39
C ASN A 124 -16.55 -1.24 -40.54
N VAL A 125 -16.28 -2.50 -40.25
CA VAL A 125 -16.25 -3.57 -41.29
C VAL A 125 -17.36 -4.58 -40.98
N ILE A 126 -18.21 -4.87 -41.97
CA ILE A 126 -19.37 -5.82 -41.84
C ILE A 126 -19.20 -7.02 -42.79
N LEU A 127 -19.22 -8.24 -42.23
CA LEU A 127 -19.26 -9.52 -43.00
C LEU A 127 -20.70 -9.84 -43.39
N SER A 128 -20.96 -10.02 -44.69
CA SER A 128 -22.29 -10.40 -45.26
C SER A 128 -22.15 -11.05 -46.65
N ARG A 129 -22.91 -12.13 -46.88
CA ARG A 129 -23.18 -12.70 -48.23
C ARG A 129 -24.47 -12.09 -48.79
N THR A 130 -25.55 -12.10 -48.02
CA THR A 130 -26.91 -11.72 -48.49
C THR A 130 -26.99 -10.23 -48.88
N LEU A 131 -25.99 -9.42 -48.55
CA LEU A 131 -26.05 -7.95 -48.70
C LEU A 131 -24.74 -7.45 -49.30
N LYS A 132 -24.84 -6.61 -50.33
CA LYS A 132 -23.67 -6.00 -50.98
C LYS A 132 -23.58 -4.55 -50.48
N LYS A 133 -22.61 -3.79 -50.97
CA LYS A 133 -22.33 -2.41 -50.48
C LYS A 133 -23.58 -1.55 -50.70
N GLU A 134 -24.24 -1.73 -51.84
CA GLU A 134 -25.44 -0.98 -52.32
C GLU A 134 -26.58 -0.99 -51.28
N ASP A 135 -26.59 -2.02 -50.44
CA ASP A 135 -27.71 -2.28 -49.48
C ASP A 135 -27.52 -1.42 -48.22
N PHE A 136 -26.48 -0.56 -48.18
CA PHE A 136 -26.06 0.18 -46.98
C PHE A 136 -25.89 1.68 -47.28
N ASP A 137 -26.63 2.54 -46.58
CA ASP A 137 -26.46 4.02 -46.67
C ASP A 137 -25.11 4.41 -46.05
N GLU A 138 -24.74 3.80 -44.93
CA GLU A 138 -23.74 4.32 -43.95
C GLU A 138 -22.31 4.22 -44.51
N ASP A 139 -21.34 4.88 -43.85
CA ASP A 139 -19.88 4.81 -44.15
C ASP A 139 -19.31 3.52 -43.57
N VAL A 140 -19.47 2.40 -44.28
CA VAL A 140 -18.95 1.07 -43.82
C VAL A 140 -18.31 0.34 -45.02
N TYR A 141 -17.45 -0.64 -44.69
CA TYR A 141 -16.81 -1.59 -45.62
C TYR A 141 -17.54 -2.92 -45.48
N ILE A 142 -18.21 -3.34 -46.55
CA ILE A 142 -18.85 -4.69 -46.70
C ILE A 142 -17.83 -5.64 -47.29
N ILE A 143 -17.67 -6.82 -46.66
CA ILE A 143 -16.81 -7.95 -47.11
C ILE A 143 -17.64 -9.23 -47.00
N ASN A 144 -17.33 -10.26 -47.80
CA ASN A 144 -18.12 -11.53 -47.87
C ASN A 144 -17.29 -12.71 -47.37
N LYS A 145 -16.08 -12.47 -46.87
CA LYS A 145 -15.20 -13.54 -46.32
C LYS A 145 -14.08 -12.90 -45.50
N VAL A 146 -13.44 -13.70 -44.67
CA VAL A 146 -12.33 -13.28 -43.77
C VAL A 146 -11.12 -12.87 -44.61
N GLU A 147 -10.73 -13.72 -45.56
CA GLU A 147 -9.53 -13.48 -46.40
C GLU A 147 -9.57 -12.01 -46.87
N ASP A 148 -10.77 -11.46 -47.09
CA ASP A 148 -10.94 -10.08 -47.61
C ASP A 148 -10.57 -9.04 -46.53
N LEU A 149 -10.96 -9.25 -45.28
CA LEU A 149 -10.57 -8.36 -44.15
C LEU A 149 -9.06 -8.14 -44.20
N ILE A 150 -8.31 -9.25 -44.30
CA ILE A 150 -6.81 -9.28 -44.28
C ILE A 150 -6.31 -8.46 -45.46
N VAL A 151 -7.03 -8.50 -46.58
CA VAL A 151 -6.75 -7.66 -47.77
C VAL A 151 -6.89 -6.20 -47.35
N LEU A 152 -8.06 -5.82 -46.82
CA LEU A 152 -8.40 -4.42 -46.47
C LEU A 152 -7.43 -3.83 -45.43
N LEU A 153 -6.87 -4.66 -44.55
CA LEU A 153 -6.00 -4.20 -43.44
C LEU A 153 -4.60 -3.92 -43.96
N GLY A 154 -4.26 -4.47 -45.13
CA GLY A 154 -3.02 -4.11 -45.87
C GLY A 154 -3.21 -2.84 -46.69
N LYS A 155 -4.45 -2.48 -46.99
CA LYS A 155 -4.81 -1.27 -47.79
C LYS A 155 -5.12 -0.07 -46.87
N LEU A 156 -5.26 -0.24 -45.56
CA LEU A 156 -5.74 0.85 -44.67
C LEU A 156 -4.72 1.29 -43.62
N ASN A 157 -4.79 2.58 -43.26
CA ASN A 157 -4.17 3.16 -42.04
C ASN A 157 -5.11 2.93 -40.86
N TYR A 158 -4.66 2.15 -39.87
CA TYR A 158 -5.48 1.79 -38.70
C TYR A 158 -4.55 1.35 -37.58
N TYR A 159 -5.04 1.41 -36.34
CA TYR A 159 -4.26 1.19 -35.11
C TYR A 159 -4.37 -0.28 -34.71
N LYS A 160 -5.59 -0.71 -34.41
CA LYS A 160 -5.91 -2.10 -33.99
C LYS A 160 -7.21 -2.52 -34.67
N CYS A 161 -7.29 -3.79 -35.10
CA CYS A 161 -8.51 -4.43 -35.63
C CYS A 161 -9.25 -5.15 -34.50
N PHE A 162 -10.48 -4.73 -34.19
CA PHE A 162 -11.37 -5.38 -33.20
C PHE A 162 -12.52 -6.13 -33.89
N ILE A 163 -12.59 -7.43 -33.58
CA ILE A 163 -13.67 -8.39 -33.95
C ILE A 163 -14.72 -8.34 -32.82
N ILE A 164 -15.91 -7.84 -33.11
CA ILE A 164 -16.90 -7.46 -32.07
C ILE A 164 -18.11 -8.39 -32.18
N GLY A 165 -18.00 -9.47 -32.96
CA GLY A 165 -18.96 -10.58 -33.00
C GLY A 165 -19.94 -10.42 -34.17
N GLY A 166 -21.00 -11.23 -34.20
CA GLY A 166 -21.43 -12.04 -33.08
C GLY A 166 -20.81 -13.43 -33.07
N SER A 167 -21.60 -14.41 -32.61
CA SER A 167 -21.25 -15.84 -32.39
C SER A 167 -20.53 -16.45 -33.61
N VAL A 168 -21.07 -16.31 -34.82
CA VAL A 168 -20.49 -16.92 -36.05
C VAL A 168 -19.14 -16.26 -36.39
N VAL A 169 -19.05 -14.94 -36.27
CA VAL A 169 -17.79 -14.18 -36.51
C VAL A 169 -16.75 -14.63 -35.46
N TYR A 170 -17.16 -14.81 -34.20
CA TYR A 170 -16.25 -15.22 -33.10
C TYR A 170 -15.68 -16.60 -33.45
N GLN A 171 -16.57 -17.58 -33.60
CA GLN A 171 -16.25 -18.99 -33.89
C GLN A 171 -15.26 -19.06 -35.06
N GLU A 172 -15.57 -18.39 -36.16
CA GLU A 172 -14.75 -18.37 -37.41
C GLU A 172 -13.33 -17.88 -37.11
N PHE A 173 -13.19 -16.73 -36.45
CA PHE A 173 -11.89 -16.04 -36.24
C PHE A 173 -11.00 -16.87 -35.30
N LEU A 174 -11.54 -17.58 -34.31
CA LEU A 174 -10.73 -18.45 -33.41
C LEU A 174 -10.33 -19.74 -34.15
N GLU A 175 -11.31 -20.41 -34.76
CA GLU A 175 -11.15 -21.48 -35.80
C GLU A 175 -9.85 -21.27 -36.60
N LYS A 176 -9.65 -20.08 -37.15
CA LYS A 176 -8.52 -19.76 -38.06
C LYS A 176 -7.32 -19.27 -37.22
N LYS A 177 -7.43 -19.30 -35.89
CA LYS A 177 -6.36 -18.79 -35.00
C LYS A 177 -5.86 -17.47 -35.59
N LEU A 178 -6.78 -16.52 -35.76
CA LEU A 178 -6.55 -15.15 -36.28
C LEU A 178 -6.73 -14.10 -35.17
N ILE A 179 -7.01 -14.52 -33.93
CA ILE A 179 -7.18 -13.64 -32.72
C ILE A 179 -5.95 -13.81 -31.83
N LYS A 180 -5.44 -12.71 -31.27
CA LYS A 180 -4.15 -12.62 -30.53
C LYS A 180 -4.43 -12.32 -29.05
N LYS A 181 -5.51 -11.59 -28.75
CA LYS A 181 -6.07 -11.45 -27.38
C LYS A 181 -7.60 -11.48 -27.46
N ILE A 182 -8.23 -11.82 -26.34
CA ILE A 182 -9.71 -11.69 -26.16
C ILE A 182 -9.96 -10.70 -25.03
N TYR A 183 -10.74 -9.65 -25.29
CA TYR A 183 -11.25 -8.72 -24.25
C TYR A 183 -12.63 -9.25 -23.82
N PHE A 184 -12.66 -9.96 -22.69
CA PHE A 184 -13.81 -10.79 -22.26
C PHE A 184 -14.49 -10.14 -21.04
N THR A 185 -15.73 -9.67 -21.22
CA THR A 185 -16.50 -9.06 -20.11
C THR A 185 -17.34 -10.18 -19.48
N ARG A 186 -17.27 -10.33 -18.16
CA ARG A 186 -18.08 -11.33 -17.42
C ARG A 186 -19.15 -10.53 -16.69
N ILE A 187 -20.36 -10.55 -17.24
CA ILE A 187 -21.57 -9.95 -16.62
C ILE A 187 -22.07 -10.99 -15.62
N ASN A 188 -21.92 -10.75 -14.32
CA ASN A 188 -22.12 -11.81 -13.28
C ASN A 188 -23.60 -11.86 -12.90
N SER A 189 -24.44 -12.25 -13.87
CA SER A 189 -25.86 -12.61 -13.70
C SER A 189 -26.28 -13.56 -14.84
N THR A 190 -27.40 -14.25 -14.67
CA THR A 190 -27.96 -15.20 -15.66
C THR A 190 -29.13 -14.55 -16.41
N TYR A 191 -29.20 -14.76 -17.73
CA TYR A 191 -30.33 -14.28 -18.57
C TYR A 191 -30.65 -15.35 -19.64
N GLU A 192 -31.82 -15.22 -20.28
CA GLU A 192 -32.24 -16.08 -21.43
C GLU A 192 -31.31 -15.77 -22.62
N CYS A 193 -30.72 -16.80 -23.24
CA CYS A 193 -29.71 -16.69 -24.34
C CYS A 193 -29.97 -17.70 -25.46
N ASP A 194 -29.79 -17.31 -26.73
CA ASP A 194 -29.86 -18.24 -27.89
C ASP A 194 -28.57 -18.22 -28.73
N VAL A 195 -27.62 -17.30 -28.50
CA VAL A 195 -26.27 -17.34 -29.15
C VAL A 195 -25.22 -17.37 -28.03
N PHE A 196 -24.17 -18.18 -28.22
CA PHE A 196 -23.15 -18.52 -27.19
C PHE A 196 -21.75 -18.18 -27.71
N PHE A 197 -20.86 -17.73 -26.82
CA PHE A 197 -19.44 -17.51 -27.18
C PHE A 197 -18.83 -18.89 -27.43
N PRO A 198 -17.89 -19.02 -28.40
CA PRO A 198 -17.14 -20.26 -28.54
C PRO A 198 -16.46 -20.64 -27.21
N GLU A 199 -16.45 -21.94 -26.89
CA GLU A 199 -15.62 -22.50 -25.79
C GLU A 199 -14.14 -22.19 -26.09
N ILE A 200 -13.38 -21.84 -25.06
CA ILE A 200 -11.95 -21.47 -25.19
C ILE A 200 -11.12 -22.59 -24.56
N ASN A 201 -10.06 -23.01 -25.25
CA ASN A 201 -9.11 -24.07 -24.79
C ASN A 201 -8.12 -23.41 -23.84
N GLU A 202 -7.87 -24.02 -22.66
CA GLU A 202 -6.84 -23.58 -21.68
C GLU A 202 -5.48 -23.64 -22.38
N ASN A 203 -5.35 -24.51 -23.40
CA ASN A 203 -4.13 -24.73 -24.22
C ASN A 203 -3.84 -23.53 -25.10
N GLU A 204 -4.77 -23.21 -25.99
CA GLU A 204 -4.61 -22.22 -27.08
C GLU A 204 -4.63 -20.80 -26.48
N TYR A 205 -5.47 -20.57 -25.47
CA TYR A 205 -5.64 -19.24 -24.81
C TYR A 205 -5.62 -19.38 -23.28
N GLN A 206 -4.91 -18.45 -22.65
CA GLN A 206 -4.63 -18.40 -21.19
C GLN A 206 -4.86 -16.96 -20.74
N ILE A 207 -5.54 -16.78 -19.61
CA ILE A 207 -5.83 -15.45 -19.02
C ILE A 207 -4.49 -14.90 -18.54
N ILE A 208 -4.09 -13.70 -18.97
CA ILE A 208 -2.85 -12.99 -18.51
C ILE A 208 -3.20 -11.79 -17.64
N SER A 209 -4.48 -11.48 -17.41
CA SER A 209 -4.94 -10.23 -16.72
C SER A 209 -6.44 -10.28 -16.39
N VAL A 210 -6.77 -9.74 -15.22
CA VAL A 210 -8.16 -9.72 -14.67
C VAL A 210 -8.31 -8.44 -13.85
N SER A 211 -9.45 -7.76 -13.98
CA SER A 211 -9.62 -6.32 -13.63
C SER A 211 -10.31 -6.22 -12.28
N ASP A 212 -10.59 -4.98 -11.85
CA ASP A 212 -11.46 -4.69 -10.68
C ASP A 212 -12.87 -5.22 -10.98
N VAL A 213 -13.66 -5.47 -9.93
CA VAL A 213 -15.12 -5.79 -10.01
C VAL A 213 -15.87 -4.46 -9.88
N TYR A 214 -16.89 -4.26 -10.69
CA TYR A 214 -17.74 -3.05 -10.64
C TYR A 214 -19.20 -3.52 -10.53
N THR A 215 -20.09 -2.60 -10.17
CA THR A 215 -21.56 -2.78 -10.31
C THR A 215 -22.10 -1.82 -11.38
N SER A 216 -22.91 -2.33 -12.29
CA SER A 216 -23.68 -1.53 -13.28
C SER A 216 -25.01 -2.21 -13.56
N ASN A 217 -26.10 -1.47 -13.50
CA ASN A 217 -27.40 -2.02 -13.97
C ASN A 217 -27.70 -3.25 -13.12
N ASN A 218 -27.44 -3.14 -11.82
CA ASN A 218 -27.82 -4.12 -10.78
C ASN A 218 -27.15 -5.47 -10.95
N THR A 219 -26.06 -5.53 -11.71
CA THR A 219 -25.15 -6.71 -11.74
C THR A 219 -23.71 -6.25 -11.54
N THR A 220 -22.91 -7.15 -10.97
CA THR A 220 -21.42 -7.11 -10.99
C THR A 220 -20.94 -7.56 -12.37
N LEU A 221 -19.75 -7.10 -12.74
CA LEU A 221 -18.97 -7.52 -13.93
C LEU A 221 -17.49 -7.22 -13.66
N ASP A 222 -16.59 -7.97 -14.27
CA ASP A 222 -15.14 -7.62 -14.41
C ASP A 222 -14.72 -7.83 -15.87
N PHE A 223 -13.46 -7.53 -16.16
CA PHE A 223 -12.87 -7.56 -17.51
C PHE A 223 -11.59 -8.39 -17.45
N ILE A 224 -11.51 -9.46 -18.22
CA ILE A 224 -10.30 -10.35 -18.23
C ILE A 224 -9.80 -10.40 -19.67
N ILE A 225 -8.50 -10.61 -19.81
CA ILE A 225 -7.78 -10.63 -21.11
C ILE A 225 -7.21 -12.04 -21.29
N TYR A 226 -7.57 -12.71 -22.39
CA TYR A 226 -6.92 -13.96 -22.84
C TYR A 226 -5.79 -13.60 -23.82
N LYS A 227 -4.71 -14.39 -23.81
CA LYS A 227 -3.56 -14.29 -24.74
C LYS A 227 -3.39 -15.64 -25.43
N LYS A 228 -2.99 -15.63 -26.70
CA LYS A 228 -2.60 -16.84 -27.47
C LYS A 228 -1.34 -17.41 -26.80
N THR A 229 -1.20 -18.73 -26.69
CA THR A 229 -0.16 -19.38 -25.83
C THR A 229 1.11 -19.76 -26.61
N ASN A 230 2.06 -20.43 -25.93
CA ASN A 230 3.41 -20.82 -26.43
C ASN A 230 3.30 -21.81 -27.60
N ASN A 231 2.66 -22.98 -27.36
CA ASN A 231 2.50 -24.13 -28.30
C ASN A 231 2.60 -23.66 -29.75
N ASP A 283 14.76 10.31 -23.14
CA ASP A 283 14.34 10.30 -21.71
C ASP A 283 14.72 8.97 -21.04
N ASP A 284 15.44 8.08 -21.74
CA ASP A 284 15.63 6.65 -21.40
C ASP A 284 17.09 6.39 -20.97
N GLU A 285 17.65 7.25 -20.11
CA GLU A 285 18.97 7.04 -19.47
C GLU A 285 18.78 6.95 -17.95
N GLU A 286 17.52 7.01 -17.48
CA GLU A 286 17.13 6.96 -16.04
C GLU A 286 16.53 5.59 -15.70
N GLU A 287 16.60 4.63 -16.62
CA GLU A 287 16.22 3.21 -16.36
C GLU A 287 17.06 2.66 -15.20
N ASP A 288 18.38 2.89 -15.29
CA ASP A 288 19.43 2.28 -14.42
C ASP A 288 19.20 2.68 -12.96
N ASP A 289 19.11 3.98 -12.70
CA ASP A 289 18.81 4.62 -11.39
C ASP A 289 18.09 3.64 -10.44
N PHE A 290 17.07 2.95 -10.94
CA PHE A 290 16.25 1.96 -10.18
C PHE A 290 17.14 0.83 -9.65
N VAL A 291 18.10 0.37 -10.47
CA VAL A 291 19.01 -0.78 -10.16
C VAL A 291 19.93 -0.36 -9.02
N TYR A 292 20.45 0.87 -9.10
CA TYR A 292 21.34 1.52 -8.09
C TYR A 292 20.63 1.52 -6.72
N PHE A 293 19.50 2.21 -6.66
CA PHE A 293 18.67 2.35 -5.43
C PHE A 293 18.19 0.99 -4.92
N ASN A 294 18.38 -0.10 -5.67
CA ASN A 294 17.97 -1.48 -5.27
C ASN A 294 19.21 -2.32 -4.96
N PHE A 295 20.38 -1.68 -4.85
CA PHE A 295 21.69 -2.35 -4.60
C PHE A 295 21.69 -3.01 -3.22
N ASN A 296 20.94 -2.46 -2.25
CA ASN A 296 20.85 -3.00 -0.87
C ASN A 296 19.43 -3.54 -0.61
N LYS A 297 19.17 -4.76 -1.08
CA LYS A 297 18.02 -5.59 -0.67
C LYS A 297 18.56 -7.00 -0.40
N GLU A 298 17.99 -8.00 -1.07
CA GLU A 298 18.10 -9.44 -0.71
C GLU A 298 18.94 -10.14 -1.80
N LYS A 299 19.05 -11.47 -1.72
CA LYS A 299 19.57 -12.39 -2.77
C LYS A 299 18.34 -13.01 -3.45
N GLU A 300 18.44 -14.27 -3.87
CA GLU A 300 17.28 -15.18 -4.05
C GLU A 300 17.15 -16.09 -2.82
N GLU A 301 18.16 -16.08 -1.94
CA GLU A 301 18.23 -16.87 -0.66
C GLU A 301 18.04 -15.95 0.56
N LYS A 302 18.00 -14.62 0.38
CA LYS A 302 17.44 -13.63 1.34
C LYS A 302 16.06 -13.14 0.84
N ASN A 303 15.48 -13.82 -0.17
CA ASN A 303 14.01 -13.89 -0.45
C ASN A 303 13.39 -14.98 0.43
N LYS A 304 13.93 -15.12 1.65
CA LYS A 304 13.60 -15.98 2.82
C LYS A 304 13.25 -17.43 2.46
N ASN A 305 12.03 -17.71 1.96
CA ASN A 305 11.42 -19.06 2.03
C ASN A 305 11.54 -19.76 0.67
N SER A 306 11.73 -21.08 0.70
CA SER A 306 12.11 -21.95 -0.45
C SER A 306 10.96 -21.99 -1.45
N ILE A 307 9.74 -22.29 -0.96
CA ILE A 307 8.43 -22.22 -1.70
C ILE A 307 8.69 -21.70 -3.12
N HIS A 308 8.54 -22.58 -4.13
CA HIS A 308 9.28 -22.54 -5.43
C HIS A 308 8.60 -21.65 -6.48
N PRO A 309 9.13 -21.59 -7.73
CA PRO A 309 8.53 -20.80 -8.79
C PRO A 309 7.29 -21.56 -9.29
N ASN A 310 7.52 -22.63 -10.06
CA ASN A 310 6.50 -23.47 -10.76
C ASN A 310 5.20 -23.56 -9.94
N ASP A 311 5.30 -23.69 -8.62
CA ASP A 311 4.15 -23.91 -7.70
C ASP A 311 3.15 -22.73 -7.72
N PHE A 312 3.48 -21.58 -8.32
CA PHE A 312 2.54 -20.44 -8.55
C PHE A 312 2.61 -19.98 -10.02
N GLN A 313 2.67 -20.92 -10.96
CA GLN A 313 2.90 -20.60 -12.40
C GLN A 313 1.78 -19.65 -12.86
N ILE A 314 0.52 -20.08 -12.71
CA ILE A 314 -0.67 -19.29 -13.15
C ILE A 314 -0.71 -17.95 -12.39
N TYR A 315 -0.30 -17.92 -11.12
CA TYR A 315 -0.24 -16.66 -10.32
C TYR A 315 0.84 -15.73 -10.92
N ASN A 316 2.06 -16.21 -11.14
CA ASN A 316 3.20 -15.34 -11.54
C ASN A 316 3.04 -14.94 -13.01
N SER A 317 2.39 -15.77 -13.84
CA SER A 317 2.16 -15.53 -15.29
C SER A 317 1.18 -14.37 -15.51
N LEU A 318 0.28 -14.13 -14.56
CA LEU A 318 -0.68 -13.01 -14.58
C LEU A 318 0.12 -11.71 -14.64
N LYS A 319 -0.30 -10.77 -15.51
CA LYS A 319 0.35 -9.46 -15.73
C LYS A 319 -0.32 -8.41 -14.83
N TYR A 320 -1.62 -8.14 -14.99
CA TYR A 320 -2.37 -7.19 -14.13
C TYR A 320 -3.35 -7.97 -13.23
N LYS A 321 -3.17 -7.86 -11.90
CA LYS A 321 -4.02 -8.54 -10.87
C LYS A 321 -4.84 -7.50 -10.11
N TYR A 322 -5.90 -6.95 -10.73
CA TYR A 322 -6.65 -5.76 -10.22
C TYR A 322 -7.95 -6.18 -9.53
N HIS A 323 -8.37 -7.45 -9.66
CA HIS A 323 -9.49 -8.04 -8.86
C HIS A 323 -9.16 -7.81 -7.40
N PRO A 324 -10.11 -7.40 -6.54
CA PRO A 324 -9.82 -7.15 -5.13
C PRO A 324 -9.39 -8.44 -4.39
N GLU A 325 -9.91 -9.61 -4.77
CA GLU A 325 -9.50 -10.92 -4.18
C GLU A 325 -7.97 -11.13 -4.23
N TYR A 326 -7.22 -10.40 -5.06
CA TYR A 326 -5.73 -10.48 -5.09
C TYR A 326 -5.16 -9.69 -3.92
N GLN A 327 -5.98 -8.83 -3.30
CA GLN A 327 -5.65 -8.14 -2.01
C GLN A 327 -5.35 -9.16 -0.92
N TYR A 328 -6.25 -10.12 -0.73
CA TYR A 328 -6.11 -11.28 0.19
C TYR A 328 -5.05 -12.25 -0.33
N LEU A 329 -5.18 -12.74 -1.56
CA LEU A 329 -4.21 -13.68 -2.21
C LEU A 329 -2.77 -13.13 -2.25
N ASN A 330 -2.51 -11.82 -2.38
CA ASN A 330 -1.11 -11.27 -2.41
C ASN A 330 -0.45 -11.37 -1.02
N ILE A 331 -1.25 -11.12 0.03
CA ILE A 331 -0.81 -11.24 1.46
C ILE A 331 -0.38 -12.70 1.72
N ILE A 332 -1.19 -13.69 1.30
CA ILE A 332 -0.84 -15.15 1.36
C ILE A 332 0.58 -15.30 0.81
N TYR A 333 0.77 -14.81 -0.41
CA TYR A 333 2.04 -14.89 -1.16
C TYR A 333 3.14 -14.22 -0.34
N ASP A 334 2.89 -13.02 0.20
CA ASP A 334 3.93 -12.22 0.91
C ASP A 334 4.33 -12.99 2.16
N ILE A 335 3.36 -13.45 2.94
CA ILE A 335 3.60 -14.30 4.14
C ILE A 335 4.35 -15.58 3.74
N MET A 336 3.95 -16.22 2.64
CA MET A 336 4.60 -17.49 2.20
C MET A 336 6.04 -17.19 1.79
N MET A 337 6.24 -16.13 1.01
CA MET A 337 7.57 -15.82 0.44
C MET A 337 8.48 -15.21 1.50
N ASN A 338 7.89 -14.44 2.45
CA ASN A 338 8.62 -13.48 3.31
C ASN A 338 8.27 -13.64 4.79
N GLY A 339 7.37 -14.56 5.12
CA GLY A 339 6.98 -14.88 6.50
C GLY A 339 8.16 -15.21 7.40
N ASN A 340 8.02 -14.89 8.69
CA ASN A 340 8.91 -15.29 9.80
C ASN A 340 8.46 -16.67 10.30
N LYS A 341 9.36 -17.59 10.55
CA LYS A 341 9.01 -18.93 11.13
C LYS A 341 8.85 -18.79 12.65
N GLN A 342 7.68 -19.18 13.19
CA GLN A 342 7.39 -19.20 14.66
C GLN A 342 6.61 -20.46 15.06
N SER A 343 6.69 -20.87 16.34
CA SER A 343 5.93 -21.99 16.96
C SER A 343 5.23 -21.49 18.22
N ASP A 344 3.90 -21.50 18.24
CA ASP A 344 3.10 -20.85 19.31
C ASP A 344 3.06 -21.76 20.54
N ARG A 345 2.42 -21.31 21.64
CA ARG A 345 2.18 -22.07 22.91
C ARG A 345 1.91 -23.55 22.56
N THR A 346 1.26 -23.73 21.40
CA THR A 346 0.70 -24.97 20.80
C THR A 346 1.81 -25.99 20.48
N GLY A 347 2.98 -25.53 20.02
CA GLY A 347 4.02 -26.35 19.36
C GLY A 347 3.71 -26.60 17.88
N VAL A 348 2.72 -25.87 17.32
CA VAL A 348 2.20 -25.97 15.91
C VAL A 348 3.35 -25.53 14.98
N GLY A 349 3.31 -24.32 14.43
CA GLY A 349 4.19 -23.92 13.33
C GLY A 349 3.49 -23.02 12.31
N VAL A 350 3.93 -21.76 12.22
CA VAL A 350 3.35 -20.75 11.29
C VAL A 350 4.47 -20.02 10.55
N LEU A 351 4.08 -19.38 9.45
CA LEU A 351 4.76 -18.20 8.87
C LEU A 351 3.92 -16.97 9.18
N SER A 352 4.49 -15.95 9.84
CA SER A 352 3.77 -14.71 10.27
C SER A 352 4.42 -13.46 9.67
N LYS A 353 3.63 -12.39 9.53
CA LYS A 353 4.10 -11.02 9.22
C LYS A 353 3.26 -10.06 10.04
N PHE A 354 3.62 -8.78 10.07
CA PHE A 354 3.00 -7.75 10.96
C PHE A 354 2.54 -6.52 10.16
N GLY A 355 1.23 -6.27 10.10
CA GLY A 355 0.65 -4.98 9.72
C GLY A 355 0.37 -4.92 8.23
N TYR A 356 -0.87 -5.19 7.83
CA TYR A 356 -1.40 -4.95 6.46
C TYR A 356 -2.76 -4.28 6.53
N ILE A 357 -3.19 -3.83 5.35
CA ILE A 357 -4.51 -3.16 5.15
C ILE A 357 -5.10 -3.68 3.83
N MET A 358 -6.34 -4.10 3.85
CA MET A 358 -7.15 -4.54 2.67
C MET A 358 -8.31 -3.55 2.66
N LYS A 359 -8.60 -2.96 1.50
CA LYS A 359 -9.81 -2.12 1.27
C LYS A 359 -10.68 -2.81 0.24
N PHE A 360 -11.95 -3.00 0.57
CA PHE A 360 -12.94 -3.57 -0.35
C PHE A 360 -14.01 -2.51 -0.62
N ASP A 361 -14.52 -2.40 -1.87
CA ASP A 361 -15.55 -1.38 -2.22
C ASP A 361 -16.93 -2.03 -2.19
N LEU A 362 -17.57 -2.04 -1.02
CA LEU A 362 -18.90 -2.71 -0.82
C LEU A 362 -19.96 -2.12 -1.76
N SER A 363 -19.81 -0.87 -2.20
CA SER A 363 -20.74 -0.22 -3.16
C SER A 363 -20.75 -0.97 -4.50
N GLN A 364 -19.68 -1.67 -4.84
CA GLN A 364 -19.46 -2.31 -6.17
C GLN A 364 -19.55 -3.83 -6.08
N TYR A 365 -19.42 -4.43 -4.89
CA TYR A 365 -19.50 -5.91 -4.71
C TYR A 365 -19.61 -6.30 -3.24
N PHE A 366 -19.80 -7.59 -3.03
CA PHE A 366 -19.63 -8.27 -1.73
C PHE A 366 -18.42 -9.19 -1.85
N PRO A 367 -17.30 -8.91 -1.13
CA PRO A 367 -16.03 -9.61 -1.35
C PRO A 367 -15.99 -10.98 -0.65
N LEU A 368 -16.85 -11.90 -1.06
CA LEU A 368 -16.76 -13.31 -0.64
C LEU A 368 -15.73 -14.00 -1.54
N LEU A 369 -14.66 -14.58 -1.02
CA LEU A 369 -13.58 -15.16 -1.86
C LEU A 369 -14.17 -16.18 -2.82
N THR A 370 -13.66 -16.18 -4.05
CA THR A 370 -14.18 -16.98 -5.19
C THR A 370 -13.23 -18.15 -5.48
N THR A 371 -11.95 -18.05 -5.08
CA THR A 371 -10.95 -19.14 -5.28
C THR A 371 -11.27 -20.35 -4.39
N LYS A 372 -12.35 -20.32 -3.60
CA LYS A 372 -12.89 -21.53 -2.89
C LYS A 372 -14.30 -21.27 -2.38
N LYS A 373 -15.10 -22.33 -2.26
CA LYS A 373 -16.50 -22.29 -1.77
C LYS A 373 -16.49 -21.72 -0.35
N LEU A 374 -17.42 -20.82 -0.04
CA LEU A 374 -17.65 -20.32 1.32
C LEU A 374 -19.15 -20.37 1.63
N PHE A 375 -19.46 -20.95 2.79
CA PHE A 375 -20.82 -21.05 3.37
C PHE A 375 -20.95 -19.86 4.30
N LEU A 376 -21.97 -19.04 4.15
CA LEU A 376 -22.12 -17.79 4.95
C LEU A 376 -23.18 -17.96 6.06
N ARG A 377 -23.84 -19.11 6.16
CA ARG A 377 -24.99 -19.22 7.08
C ARG A 377 -24.50 -18.99 8.52
N GLY A 378 -23.48 -19.77 8.94
CA GLY A 378 -22.98 -19.80 10.32
C GLY A 378 -22.50 -18.44 10.74
N ILE A 379 -21.63 -17.83 9.94
CA ILE A 379 -21.02 -16.53 10.31
C ILE A 379 -22.11 -15.47 10.36
N ILE A 380 -23.24 -15.65 9.67
CA ILE A 380 -24.38 -14.67 9.72
C ILE A 380 -25.12 -14.88 11.04
N GLU A 381 -25.41 -16.13 11.41
CA GLU A 381 -26.07 -16.47 12.71
C GLU A 381 -25.23 -15.91 13.86
N GLU A 382 -23.91 -16.11 13.81
CA GLU A 382 -22.96 -15.54 14.79
C GLU A 382 -23.07 -14.02 14.89
N LEU A 383 -23.26 -13.30 13.79
CA LEU A 383 -23.31 -11.81 13.81
C LEU A 383 -24.59 -11.37 14.56
N LEU A 384 -25.71 -12.05 14.26
CA LEU A 384 -27.01 -11.77 14.89
C LEU A 384 -26.92 -12.10 16.38
N TRP A 385 -26.18 -13.16 16.73
CA TRP A 385 -25.94 -13.66 18.10
C TRP A 385 -25.18 -12.61 18.91
N PHE A 386 -24.12 -12.04 18.34
CA PHE A 386 -23.43 -10.85 18.90
C PHE A 386 -24.42 -9.69 19.07
N ILE A 387 -25.17 -9.36 18.03
CA ILE A 387 -26.00 -8.13 18.03
C ILE A 387 -27.02 -8.26 19.17
N ARG A 388 -27.46 -9.47 19.48
CA ARG A 388 -28.44 -9.68 20.56
C ARG A 388 -27.76 -9.48 21.93
N GLY A 389 -26.42 -9.57 21.97
CA GLY A 389 -25.63 -9.46 23.21
C GLY A 389 -25.43 -10.81 23.89
N GLU A 390 -25.80 -11.90 23.22
CA GLU A 390 -25.76 -13.31 23.74
C GLU A 390 -24.31 -13.77 23.87
N THR A 391 -23.99 -14.46 24.94
CA THR A 391 -22.70 -15.14 25.15
C THR A 391 -22.90 -16.66 25.24
N ASN A 392 -24.11 -17.16 24.93
CA ASN A 392 -24.60 -18.55 25.18
C ASN A 392 -24.33 -19.43 23.98
N GLY A 393 -23.33 -20.34 24.07
CA GLY A 393 -22.84 -21.17 22.94
C GLY A 393 -23.93 -22.09 22.45
N ASN A 394 -24.66 -22.70 23.39
CA ASN A 394 -25.86 -23.53 23.15
C ASN A 394 -26.72 -22.95 22.03
N THR A 395 -26.95 -21.63 22.07
CA THR A 395 -27.86 -20.94 21.10
C THR A 395 -27.39 -21.28 19.70
N LEU A 396 -26.12 -20.98 19.39
CA LEU A 396 -25.47 -21.32 18.09
C LEU A 396 -25.61 -22.84 17.85
N LEU A 397 -25.26 -23.67 18.83
CA LEU A 397 -25.18 -25.14 18.65
C LEU A 397 -26.57 -25.74 18.34
N ASN A 398 -27.67 -25.10 18.80
CA ASN A 398 -29.05 -25.52 18.45
C ASN A 398 -29.27 -25.24 16.96
N LYS A 399 -28.87 -24.06 16.48
CA LYS A 399 -28.88 -23.65 15.05
C LYS A 399 -27.77 -24.34 14.23
N ASN A 400 -27.09 -25.32 14.82
CA ASN A 400 -26.08 -26.19 14.17
C ASN A 400 -24.87 -25.36 13.67
N VAL A 401 -24.44 -24.36 14.45
CA VAL A 401 -23.22 -23.52 14.20
C VAL A 401 -22.14 -23.82 15.26
N ARG A 402 -21.01 -24.40 14.84
CA ARG A 402 -20.00 -24.98 15.78
C ARG A 402 -18.75 -24.10 15.89
N ILE A 403 -18.79 -22.86 15.35
CA ILE A 403 -17.68 -21.86 15.41
C ILE A 403 -17.09 -21.85 16.82
N TRP A 404 -17.95 -21.61 17.83
CA TRP A 404 -17.55 -21.36 19.23
C TRP A 404 -17.67 -22.63 20.09
N GLU A 405 -17.74 -23.83 19.51
CA GLU A 405 -18.00 -25.08 20.24
C GLU A 405 -16.78 -25.57 21.02
N ALA A 406 -15.58 -25.51 20.45
CA ALA A 406 -14.35 -26.01 21.09
C ALA A 406 -13.88 -24.99 22.13
N ASN A 407 -14.38 -23.76 22.06
CA ASN A 407 -14.07 -22.70 23.06
C ASN A 407 -15.03 -22.76 24.24
N GLY A 408 -16.01 -23.68 24.25
CA GLY A 408 -17.04 -23.74 25.29
C GLY A 408 -16.98 -24.98 26.16
N THR A 409 -15.97 -25.83 25.96
CA THR A 409 -15.91 -27.19 26.57
C THR A 409 -15.43 -27.11 28.02
N ARG A 410 -15.71 -28.19 28.75
CA ARG A 410 -15.20 -28.37 30.13
C ARG A 410 -13.69 -28.13 30.08
N GLU A 411 -12.98 -28.92 29.26
CA GLU A 411 -11.49 -28.83 29.15
C GLU A 411 -11.08 -27.38 28.84
N PHE A 412 -11.56 -26.78 27.75
CA PHE A 412 -11.01 -25.48 27.29
C PHE A 412 -11.17 -24.47 28.41
N LEU A 413 -12.39 -24.29 28.96
CA LEU A 413 -12.66 -23.33 30.06
C LEU A 413 -11.78 -23.66 31.28
N ASP A 414 -11.52 -24.94 31.57
CA ASP A 414 -10.68 -25.37 32.73
C ASP A 414 -9.22 -24.96 32.49
N ASN A 415 -8.71 -25.16 31.28
CA ASN A 415 -7.37 -24.69 30.86
C ASN A 415 -7.29 -23.16 30.80
N ARG A 416 -8.43 -22.45 30.65
CA ARG A 416 -8.51 -20.96 30.74
C ARG A 416 -8.67 -20.61 32.22
N LYS A 417 -8.46 -21.58 33.11
CA LYS A 417 -8.63 -21.39 34.57
C LYS A 417 -10.06 -20.89 34.84
N LEU A 418 -11.02 -21.12 33.95
CA LEU A 418 -12.43 -20.68 34.15
C LEU A 418 -13.23 -21.83 34.79
N PHE A 419 -12.80 -22.26 35.98
CA PHE A 419 -13.29 -23.45 36.74
C PHE A 419 -14.77 -23.32 37.10
N HIS A 420 -15.26 -22.07 37.27
CA HIS A 420 -16.62 -21.72 37.74
C HIS A 420 -17.51 -21.25 36.60
N ARG A 421 -17.11 -21.49 35.36
CA ARG A 421 -17.88 -21.11 34.16
C ARG A 421 -18.53 -22.40 33.60
N GLU A 422 -19.85 -22.34 33.39
CA GLU A 422 -20.70 -23.38 32.75
C GLU A 422 -20.16 -23.75 31.36
N VAL A 423 -20.36 -25.00 30.95
CA VAL A 423 -20.11 -25.48 29.57
C VAL A 423 -20.83 -24.54 28.61
N ASN A 424 -20.17 -24.15 27.53
CA ASN A 424 -20.75 -23.30 26.46
C ASN A 424 -21.08 -21.88 26.96
N ASP A 425 -20.77 -21.53 28.22
CA ASP A 425 -20.86 -20.13 28.73
C ASP A 425 -19.57 -19.40 28.35
N LEU A 426 -19.54 -18.65 27.26
CA LEU A 426 -18.24 -18.15 26.75
C LEU A 426 -17.85 -16.86 27.49
N GLY A 427 -18.72 -16.32 28.36
CA GLY A 427 -18.35 -15.21 29.24
C GLY A 427 -18.48 -13.84 28.57
N PRO A 428 -17.80 -12.79 29.09
CA PRO A 428 -17.97 -11.44 28.58
C PRO A 428 -17.20 -11.18 27.28
N ILE A 429 -17.67 -11.79 26.19
CA ILE A 429 -17.12 -11.64 24.81
C ILE A 429 -18.06 -10.73 24.02
N TYR A 430 -17.97 -10.82 22.68
CA TYR A 430 -18.45 -9.78 21.74
C TYR A 430 -19.85 -9.33 22.15
N GLY A 431 -20.79 -10.28 22.21
CA GLY A 431 -22.19 -10.01 22.54
C GLY A 431 -22.32 -8.99 23.66
N PHE A 432 -21.81 -9.35 24.83
CA PHE A 432 -21.81 -8.56 26.08
C PHE A 432 -21.16 -7.18 25.86
N GLN A 433 -19.96 -7.15 25.26
CA GLN A 433 -19.10 -5.92 25.26
C GLN A 433 -19.79 -4.85 24.43
N TRP A 434 -20.41 -5.25 23.31
CA TRP A 434 -21.18 -4.38 22.38
C TRP A 434 -22.45 -3.81 23.08
N ARG A 435 -23.12 -4.60 23.92
CA ARG A 435 -24.40 -4.19 24.54
C ARG A 435 -24.22 -3.71 25.99
N HIS A 436 -23.14 -4.07 26.69
CA HIS A 436 -23.07 -3.96 28.17
C HIS A 436 -21.64 -3.75 28.67
N PHE A 437 -20.78 -3.07 27.92
CA PHE A 437 -19.34 -2.92 28.25
C PHE A 437 -19.21 -2.34 29.65
N GLY A 438 -18.48 -3.03 30.56
CA GLY A 438 -18.09 -2.55 31.90
C GLY A 438 -19.09 -2.87 33.01
N ALA A 439 -20.23 -3.47 32.70
CA ALA A 439 -21.06 -4.26 33.64
C ALA A 439 -20.28 -5.49 34.07
N GLU A 440 -20.38 -5.90 35.35
CA GLU A 440 -19.69 -7.10 35.85
C GLU A 440 -20.47 -8.31 35.30
N TYR A 441 -19.82 -9.14 34.51
CA TYR A 441 -20.47 -10.32 33.86
C TYR A 441 -20.84 -11.30 34.96
N THR A 442 -21.97 -12.01 34.84
CA THR A 442 -22.35 -13.08 35.82
C THR A 442 -22.28 -14.43 35.09
N ASN A 443 -23.27 -14.73 34.24
CA ASN A 443 -23.40 -15.96 33.43
C ASN A 443 -24.19 -15.62 32.17
N MET A 444 -24.31 -16.57 31.23
CA MET A 444 -24.95 -16.39 29.90
C MET A 444 -26.48 -16.28 30.00
N TYR A 445 -27.05 -16.53 31.19
CA TYR A 445 -28.52 -16.57 31.40
C TYR A 445 -29.00 -15.22 31.94
N ASP A 446 -28.10 -14.41 32.50
CA ASP A 446 -28.38 -13.03 32.98
C ASP A 446 -28.75 -12.15 31.78
N ASN A 447 -29.90 -11.49 31.89
CA ASN A 447 -30.23 -10.26 31.15
C ASN A 447 -29.59 -9.15 31.97
N TYR A 448 -28.78 -8.32 31.32
CA TYR A 448 -27.97 -7.25 31.96
C TYR A 448 -28.72 -5.93 31.79
N GLU A 449 -30.02 -5.92 32.16
CA GLU A 449 -31.00 -4.88 31.76
C GLU A 449 -30.47 -3.51 32.19
N ASN A 450 -30.08 -2.67 31.21
CA ASN A 450 -29.60 -1.26 31.36
C ASN A 450 -28.32 -1.19 32.19
N LYS A 451 -27.44 -2.19 32.09
CA LYS A 451 -26.16 -2.26 32.86
C LYS A 451 -25.01 -2.12 31.86
N GLY A 452 -24.00 -1.30 32.19
CA GLY A 452 -22.91 -1.01 31.24
C GLY A 452 -23.34 -0.24 29.99
N VAL A 453 -22.43 -0.07 29.05
CA VAL A 453 -22.59 0.85 27.88
C VAL A 453 -23.13 0.05 26.71
N ASP A 454 -24.25 0.49 26.14
CA ASP A 454 -24.78 -0.04 24.86
C ASP A 454 -24.01 0.66 23.73
N GLN A 455 -22.84 0.10 23.38
CA GLN A 455 -21.90 0.67 22.38
C GLN A 455 -22.62 0.71 21.02
N LEU A 456 -23.35 -0.36 20.72
CA LEU A 456 -23.96 -0.60 19.39
C LEU A 456 -24.98 0.50 19.09
N LYS A 457 -25.91 0.72 20.02
CA LYS A 457 -26.89 1.85 20.06
C LYS A 457 -26.13 3.16 19.95
N ASN A 458 -25.14 3.36 20.82
CA ASN A 458 -24.28 4.59 20.82
C ASN A 458 -23.75 4.86 19.40
N ILE A 459 -23.15 3.88 18.72
CA ILE A 459 -22.51 4.17 17.40
C ILE A 459 -23.58 4.45 16.35
N ILE A 460 -24.70 3.72 16.37
CA ILE A 460 -25.84 3.93 15.43
C ILE A 460 -26.38 5.36 15.61
N ASN A 461 -26.40 5.88 16.84
CA ASN A 461 -26.90 7.22 17.24
C ASN A 461 -25.91 8.28 16.76
N LEU A 462 -24.60 8.03 16.89
CA LEU A 462 -23.56 8.98 16.43
C LEU A 462 -23.54 9.03 14.90
N ILE A 463 -23.77 7.91 14.21
CA ILE A 463 -23.82 7.91 12.72
C ILE A 463 -25.02 8.74 12.24
N LYS A 464 -26.20 8.52 12.83
CA LYS A 464 -27.41 9.31 12.56
C LYS A 464 -27.14 10.80 12.83
N ASN A 465 -26.64 11.18 14.00
CA ASN A 465 -26.74 12.58 14.50
C ASN A 465 -25.41 13.33 14.38
N ASP A 466 -24.25 12.67 14.43
CA ASP A 466 -22.93 13.35 14.47
C ASP A 466 -21.99 12.62 13.49
N PRO A 467 -22.41 12.45 12.20
CA PRO A 467 -21.66 11.61 11.26
C PRO A 467 -20.18 11.99 11.07
N THR A 468 -19.78 13.23 11.41
CA THR A 468 -18.37 13.75 11.33
C THR A 468 -17.62 13.55 12.65
N SER A 469 -18.21 12.90 13.66
CA SER A 469 -17.51 12.38 14.86
C SER A 469 -16.38 11.44 14.43
N ARG A 470 -15.27 11.52 15.14
CA ARG A 470 -14.07 10.69 14.93
C ARG A 470 -13.97 9.72 16.11
N ARG A 471 -15.08 9.59 16.84
CA ARG A 471 -15.21 8.76 18.06
C ARG A 471 -16.25 7.64 17.86
N ILE A 472 -16.62 7.35 16.62
CA ILE A 472 -17.58 6.26 16.31
C ILE A 472 -16.78 4.97 16.18
N LEU A 473 -16.41 4.42 17.33
CA LEU A 473 -15.75 3.10 17.43
C LEU A 473 -16.69 2.15 18.15
N LEU A 474 -16.69 0.89 17.73
CA LEU A 474 -17.26 -0.23 18.50
C LEU A 474 -16.08 -1.11 18.92
N CYS A 475 -15.87 -1.33 20.24
CA CYS A 475 -14.63 -1.95 20.75
C CYS A 475 -14.95 -3.15 21.65
N ALA A 476 -14.38 -4.32 21.31
CA ALA A 476 -14.58 -5.63 21.96
C ALA A 476 -13.42 -5.96 22.92
N TRP A 477 -12.34 -5.17 22.92
CA TRP A 477 -11.16 -5.36 23.80
C TRP A 477 -11.38 -4.54 25.08
N ASN A 478 -12.07 -5.19 26.02
CA ASN A 478 -12.28 -4.78 27.44
C ASN A 478 -11.21 -5.51 28.26
N VAL A 479 -10.18 -4.76 28.65
CA VAL A 479 -8.93 -5.25 29.31
C VAL A 479 -9.29 -5.97 30.63
N LYS A 480 -10.32 -5.46 31.33
CA LYS A 480 -10.85 -5.94 32.64
C LYS A 480 -11.41 -7.35 32.50
N ASP A 481 -11.87 -7.72 31.31
CA ASP A 481 -12.71 -8.94 31.17
C ASP A 481 -11.94 -10.02 30.42
N LEU A 482 -10.77 -9.70 29.87
CA LEU A 482 -10.00 -10.61 28.99
C LEU A 482 -9.92 -12.00 29.65
N ASP A 483 -9.51 -12.08 30.91
CA ASP A 483 -9.27 -13.37 31.62
C ASP A 483 -10.59 -14.09 31.84
N GLN A 484 -11.71 -13.35 31.86
CA GLN A 484 -13.05 -13.95 32.07
C GLN A 484 -13.58 -14.53 30.75
N MET A 485 -13.00 -14.14 29.62
CA MET A 485 -13.48 -14.53 28.27
C MET A 485 -12.93 -15.91 27.93
N ALA A 486 -13.64 -16.64 27.07
CA ALA A 486 -13.20 -17.93 26.47
C ALA A 486 -11.91 -17.67 25.68
N LEU A 487 -11.96 -16.82 24.64
CA LEU A 487 -10.73 -16.15 24.15
C LEU A 487 -10.92 -14.64 24.07
N PRO A 488 -9.82 -13.88 24.25
CA PRO A 488 -9.82 -12.46 23.93
C PRO A 488 -10.26 -12.31 22.48
N PRO A 489 -10.99 -11.26 22.13
CA PRO A 489 -11.45 -11.09 20.75
C PRO A 489 -10.28 -10.84 19.78
N CYS A 490 -10.29 -11.54 18.65
CA CYS A 490 -9.39 -11.32 17.49
C CYS A 490 -9.78 -10.02 16.77
N HIS A 491 -11.05 -9.64 16.82
CA HIS A 491 -11.60 -8.42 16.18
C HIS A 491 -11.75 -7.36 17.25
N ILE A 492 -10.69 -6.57 17.41
CA ILE A 492 -10.50 -5.59 18.51
C ILE A 492 -11.61 -4.52 18.42
N LEU A 493 -11.73 -3.83 17.29
CA LEU A 493 -12.52 -2.57 17.17
C LEU A 493 -12.96 -2.36 15.73
N CYS A 494 -14.17 -1.86 15.56
CA CYS A 494 -14.70 -1.26 14.32
C CYS A 494 -14.73 0.24 14.51
N GLN A 495 -14.06 1.03 13.68
CA GLN A 495 -14.31 2.49 13.62
C GLN A 495 -15.14 2.82 12.38
N PHE A 496 -16.05 3.79 12.47
CA PHE A 496 -16.92 4.16 11.32
C PHE A 496 -16.58 5.56 10.81
N TYR A 497 -16.84 5.74 9.51
CA TYR A 497 -16.58 6.98 8.75
C TYR A 497 -17.79 7.23 7.85
N VAL A 498 -18.23 8.48 7.81
CA VAL A 498 -19.41 8.88 6.99
C VAL A 498 -18.99 10.04 6.09
N PHE A 499 -19.21 9.90 4.79
CA PHE A 499 -19.12 11.05 3.84
C PHE A 499 -20.28 10.96 2.85
N ASP A 500 -20.87 12.11 2.51
CA ASP A 500 -21.78 12.28 1.35
C ASP A 500 -22.84 11.17 1.36
N GLY A 501 -23.40 10.87 2.54
CA GLY A 501 -24.46 9.86 2.72
C GLY A 501 -23.97 8.46 2.40
N LYS A 502 -22.69 8.17 2.66
CA LYS A 502 -22.05 6.83 2.49
C LYS A 502 -21.26 6.50 3.77
N LEU A 503 -21.17 5.21 4.10
CA LEU A 503 -20.60 4.70 5.38
C LEU A 503 -19.47 3.71 5.09
N SER A 504 -18.26 4.01 5.56
CA SER A 504 -17.10 3.09 5.53
C SER A 504 -16.79 2.57 6.95
N CYS A 505 -16.14 1.41 7.06
CA CYS A 505 -15.83 0.74 8.35
C CYS A 505 -14.39 0.24 8.34
N ILE A 506 -13.55 0.74 9.25
CA ILE A 506 -12.25 0.11 9.60
C ILE A 506 -12.52 -0.96 10.66
N MET A 507 -11.95 -2.15 10.49
CA MET A 507 -11.91 -3.22 11.51
C MET A 507 -10.45 -3.61 11.73
N TYR A 508 -9.99 -3.62 12.97
CA TYR A 508 -8.59 -3.97 13.36
C TYR A 508 -8.54 -5.37 14.00
N GLN A 509 -7.82 -6.28 13.36
CA GLN A 509 -7.69 -7.69 13.81
C GLN A 509 -6.27 -7.93 14.34
N ARG A 510 -6.18 -8.25 15.64
CA ARG A 510 -4.90 -8.45 16.40
C ARG A 510 -4.17 -9.70 15.88
N SER A 511 -4.87 -10.83 15.79
CA SER A 511 -4.38 -12.11 15.26
C SER A 511 -5.32 -12.56 14.13
N CYS A 512 -4.71 -13.12 13.06
CA CYS A 512 -5.31 -13.35 11.73
C CYS A 512 -4.86 -14.68 11.12
N ASP A 513 -5.78 -15.64 11.02
CA ASP A 513 -5.56 -16.94 10.35
C ASP A 513 -5.90 -16.81 8.84
N LEU A 514 -4.88 -16.56 8.02
CA LEU A 514 -5.02 -16.16 6.61
C LEU A 514 -5.72 -17.27 5.81
N GLY A 515 -5.45 -18.55 6.15
CA GLY A 515 -5.90 -19.71 5.38
C GLY A 515 -7.35 -20.09 5.66
N LEU A 516 -7.83 -19.92 6.89
CA LEU A 516 -9.15 -20.43 7.37
C LEU A 516 -10.06 -19.28 7.81
N GLY A 517 -9.49 -18.33 8.53
CA GLY A 517 -10.21 -17.34 9.36
C GLY A 517 -10.52 -16.06 8.61
N VAL A 518 -9.59 -15.52 7.83
CA VAL A 518 -9.72 -14.14 7.27
C VAL A 518 -10.85 -14.11 6.23
N PRO A 519 -10.96 -15.12 5.34
CA PRO A 519 -12.08 -15.22 4.39
C PRO A 519 -13.45 -14.99 5.01
N PHE A 520 -13.68 -15.50 6.21
CA PHE A 520 -14.99 -15.36 6.90
C PHE A 520 -15.05 -13.98 7.54
N ASN A 521 -13.94 -13.56 8.12
CA ASN A 521 -13.81 -12.27 8.84
C ASN A 521 -14.17 -11.14 7.85
N ILE A 522 -13.53 -11.11 6.66
CA ILE A 522 -13.82 -10.13 5.58
C ILE A 522 -15.35 -10.11 5.38
N ALA A 523 -15.95 -11.28 5.15
CA ALA A 523 -17.39 -11.35 4.88
C ALA A 523 -18.15 -10.78 6.08
N SER A 524 -17.90 -11.35 7.26
CA SER A 524 -18.57 -11.01 8.53
C SER A 524 -18.71 -9.48 8.65
N TYR A 525 -17.59 -8.76 8.70
CA TYR A 525 -17.55 -7.31 8.99
C TYR A 525 -18.12 -6.56 7.76
N SER A 526 -18.02 -7.20 6.59
CA SER A 526 -18.58 -6.67 5.33
C SER A 526 -20.11 -6.67 5.45
N ILE A 527 -20.73 -7.76 5.91
CA ILE A 527 -22.19 -7.79 6.21
C ILE A 527 -22.52 -6.77 7.31
N PHE A 528 -21.68 -6.64 8.32
CA PHE A 528 -22.01 -5.78 9.47
C PHE A 528 -22.11 -4.32 9.01
N THR A 529 -21.37 -3.94 7.96
CA THR A 529 -21.25 -2.56 7.43
C THR A 529 -22.57 -2.22 6.72
N HIS A 530 -23.05 -3.17 5.90
CA HIS A 530 -24.38 -3.18 5.23
C HIS A 530 -25.47 -2.98 6.28
N MET A 531 -25.53 -3.87 7.26
CA MET A 531 -26.54 -3.77 8.36
C MET A 531 -26.55 -2.36 8.94
N ILE A 532 -25.37 -1.82 9.30
CA ILE A 532 -25.28 -0.50 9.99
C ILE A 532 -25.75 0.59 9.03
N ALA A 533 -25.15 0.61 7.83
CA ALA A 533 -25.53 1.51 6.71
C ALA A 533 -27.06 1.50 6.53
N GLN A 534 -27.69 0.33 6.48
CA GLN A 534 -29.15 0.25 6.24
C GLN A 534 -29.91 1.00 7.35
N VAL A 535 -29.60 0.79 8.63
CA VAL A 535 -30.48 1.26 9.75
C VAL A 535 -30.12 2.70 10.08
N CYS A 536 -29.06 3.21 9.46
CA CYS A 536 -28.59 4.60 9.64
C CYS A 536 -28.96 5.44 8.40
N ASN A 537 -29.61 4.80 7.41
CA ASN A 537 -30.09 5.42 6.15
C ASN A 537 -28.91 5.98 5.34
N LEU A 538 -27.83 5.20 5.22
CA LEU A 538 -26.61 5.57 4.45
C LEU A 538 -26.30 4.43 3.47
N GLN A 539 -25.38 4.65 2.54
CA GLN A 539 -25.01 3.61 1.54
C GLN A 539 -23.74 2.99 2.06
N PRO A 540 -23.54 1.67 1.91
CA PRO A 540 -22.26 1.07 2.25
C PRO A 540 -21.23 1.50 1.19
N ALA A 541 -20.00 1.84 1.63
CA ALA A 541 -18.86 2.18 0.76
C ALA A 541 -17.70 1.20 1.02
N GLN A 542 -16.62 1.65 1.65
CA GLN A 542 -15.38 0.83 1.80
C GLN A 542 -15.39 0.12 3.16
N PHE A 543 -15.20 -1.19 3.17
CA PHE A 543 -14.78 -2.02 4.34
C PHE A 543 -13.27 -2.18 4.34
N ILE A 544 -12.59 -1.67 5.38
CA ILE A 544 -11.12 -1.55 5.46
C ILE A 544 -10.65 -2.45 6.60
N HIS A 545 -9.98 -3.54 6.26
CA HIS A 545 -9.49 -4.62 7.17
C HIS A 545 -8.03 -4.35 7.52
N VAL A 546 -7.71 -4.14 8.79
CA VAL A 546 -6.31 -3.91 9.20
C VAL A 546 -5.84 -5.18 9.92
N LEU A 547 -4.85 -5.85 9.34
CA LEU A 547 -4.23 -7.07 9.90
C LEU A 547 -3.07 -6.64 10.82
N GLY A 548 -3.08 -7.12 12.06
CA GLY A 548 -1.91 -7.07 12.96
C GLY A 548 -1.05 -8.28 12.74
N ASN A 549 -1.16 -9.31 13.59
CA ASN A 549 -0.38 -10.56 13.43
C ASN A 549 -1.05 -11.34 12.31
N ALA A 550 -0.41 -11.39 11.14
CA ALA A 550 -0.94 -12.05 9.92
C ALA A 550 -0.16 -13.34 9.73
N HIS A 551 -0.77 -14.51 9.97
CA HIS A 551 -0.05 -15.80 9.85
C HIS A 551 -0.74 -16.78 8.90
N VAL A 552 0.10 -17.56 8.22
CA VAL A 552 -0.27 -18.84 7.54
C VAL A 552 0.21 -20.01 8.40
N TYR A 553 -0.66 -20.98 8.64
CA TYR A 553 -0.32 -22.26 9.31
C TYR A 553 0.49 -23.11 8.30
N ASN A 554 1.58 -23.77 8.73
CA ASN A 554 2.49 -24.56 7.87
C ASN A 554 1.69 -25.61 7.11
N ASN A 555 0.65 -26.20 7.72
CA ASN A 555 -0.10 -27.31 7.08
C ASN A 555 -1.16 -26.72 6.14
N HIS A 556 -1.45 -25.43 6.23
CA HIS A 556 -2.35 -24.67 5.31
C HIS A 556 -1.69 -24.45 3.94
N ILE A 557 -0.34 -24.44 3.91
CA ILE A 557 0.49 -24.06 2.73
C ILE A 557 0.01 -24.81 1.46
N ASP A 558 0.15 -26.14 1.41
CA ASP A 558 -0.13 -26.95 0.20
C ASP A 558 -1.45 -26.45 -0.43
N SER A 559 -2.53 -26.37 0.34
CA SER A 559 -3.88 -25.92 -0.11
C SER A 559 -3.88 -24.42 -0.53
N LEU A 560 -3.12 -23.56 0.14
CA LEU A 560 -3.07 -22.13 -0.23
C LEU A 560 -2.34 -21.97 -1.58
N LYS A 561 -1.43 -22.89 -1.90
CA LYS A 561 -0.66 -22.88 -3.18
C LYS A 561 -1.67 -23.15 -4.29
N ILE A 562 -2.48 -24.18 -4.13
CA ILE A 562 -3.57 -24.59 -5.08
C ILE A 562 -4.45 -23.36 -5.40
N GLN A 563 -4.89 -22.65 -4.36
CA GLN A 563 -5.80 -21.47 -4.42
C GLN A 563 -5.17 -20.27 -5.15
N LEU A 564 -3.92 -19.93 -4.89
CA LEU A 564 -3.24 -18.78 -5.54
C LEU A 564 -3.18 -18.97 -7.06
N ASN A 565 -3.13 -20.21 -7.54
CA ASN A 565 -3.10 -20.55 -8.99
C ASN A 565 -4.52 -20.55 -9.58
N ARG A 566 -5.54 -20.19 -8.80
CA ARG A 566 -6.89 -20.10 -9.35
C ARG A 566 -7.22 -18.63 -9.58
N ILE A 567 -7.69 -18.31 -10.79
CA ILE A 567 -8.14 -16.94 -11.15
C ILE A 567 -9.54 -16.72 -10.60
N PRO A 568 -9.69 -15.69 -9.75
CA PRO A 568 -11.00 -15.30 -9.25
C PRO A 568 -12.05 -15.12 -10.35
N TYR A 569 -13.31 -15.38 -10.00
CA TYR A 569 -14.53 -14.95 -10.75
C TYR A 569 -15.01 -13.62 -10.21
N PRO A 570 -15.87 -12.89 -10.97
CA PRO A 570 -16.51 -11.69 -10.45
C PRO A 570 -17.18 -11.98 -9.11
N PHE A 571 -17.02 -11.07 -8.16
CA PHE A 571 -17.63 -11.19 -6.82
C PHE A 571 -19.13 -11.34 -7.00
N PRO A 572 -19.79 -12.01 -6.03
CA PRO A 572 -21.24 -11.89 -5.84
C PRO A 572 -21.68 -10.51 -5.33
N THR A 573 -22.99 -10.33 -5.13
CA THR A 573 -23.65 -9.17 -4.45
C THR A 573 -24.41 -9.63 -3.20
N LEU A 574 -24.57 -8.75 -2.21
CA LEU A 574 -25.29 -9.03 -0.95
C LEU A 574 -26.57 -8.20 -0.95
N LYS A 575 -27.74 -8.82 -0.76
CA LYS A 575 -29.03 -8.10 -0.59
C LYS A 575 -29.60 -8.35 0.81
N LEU A 576 -29.89 -7.24 1.50
CA LEU A 576 -30.51 -7.16 2.84
C LEU A 576 -31.97 -6.80 2.64
N ASN A 577 -32.88 -7.51 3.29
CA ASN A 577 -34.32 -7.14 3.26
C ASN A 577 -34.38 -5.66 3.63
N PRO A 578 -34.95 -4.78 2.76
CA PRO A 578 -34.92 -3.34 2.97
C PRO A 578 -35.82 -2.89 4.12
N ASP A 579 -36.86 -3.68 4.41
CA ASP A 579 -37.89 -3.31 5.41
C ASP A 579 -37.28 -3.21 6.81
N ILE A 580 -36.14 -3.87 7.08
CA ILE A 580 -35.46 -3.86 8.42
C ILE A 580 -34.89 -2.44 8.63
N LYS A 581 -35.22 -1.80 9.76
CA LYS A 581 -34.83 -0.40 10.07
C LYS A 581 -34.21 -0.26 11.49
N ASN A 582 -34.25 -1.28 12.35
CA ASN A 582 -33.50 -1.31 13.64
C ASN A 582 -32.48 -2.46 13.64
N ILE A 583 -31.30 -2.28 14.23
CA ILE A 583 -30.16 -3.27 14.13
C ILE A 583 -30.56 -4.62 14.76
N GLU A 584 -31.47 -4.62 15.72
CA GLU A 584 -31.89 -5.84 16.46
C GLU A 584 -32.82 -6.71 15.59
N ASP A 585 -33.42 -6.16 14.52
CA ASP A 585 -34.58 -6.75 13.80
C ASP A 585 -34.17 -7.60 12.59
N PHE A 586 -32.91 -8.02 12.44
CA PHE A 586 -32.44 -8.83 11.28
C PHE A 586 -32.46 -10.33 11.62
N THR A 587 -33.11 -11.15 10.80
CA THR A 587 -33.17 -12.63 10.95
C THR A 587 -32.43 -13.28 9.80
N ILE A 588 -32.00 -14.54 9.97
CA ILE A 588 -31.15 -15.26 8.96
C ILE A 588 -31.69 -15.06 7.53
N SER A 589 -33.00 -14.96 7.33
CA SER A 589 -33.67 -14.94 5.99
C SER A 589 -33.66 -13.53 5.38
N ASP A 590 -33.23 -12.51 6.13
CA ASP A 590 -33.11 -11.12 5.61
C ASP A 590 -31.84 -10.98 4.76
N PHE A 591 -31.04 -12.04 4.64
CA PHE A 591 -29.74 -12.00 3.94
C PHE A 591 -29.82 -12.90 2.71
N THR A 592 -29.27 -12.42 1.58
CA THR A 592 -29.18 -13.22 0.34
C THR A 592 -27.89 -12.86 -0.41
N ILE A 593 -27.08 -13.89 -0.68
CA ILE A 593 -25.91 -13.81 -1.59
C ILE A 593 -26.39 -14.20 -3.00
N GLN A 594 -26.57 -13.20 -3.88
CA GLN A 594 -26.91 -13.36 -5.31
C GLN A 594 -25.62 -13.51 -6.10
N ASN A 595 -25.57 -14.53 -6.97
CA ASN A 595 -24.60 -14.68 -8.09
C ASN A 595 -23.21 -15.01 -7.54
N TYR A 596 -23.14 -15.70 -6.40
CA TYR A 596 -21.89 -16.34 -5.88
C TYR A 596 -21.52 -17.46 -6.83
N VAL A 597 -20.55 -17.16 -7.70
CA VAL A 597 -19.85 -18.10 -8.62
C VAL A 597 -18.46 -18.21 -8.01
N HIS A 598 -17.97 -19.45 -7.89
CA HIS A 598 -16.82 -19.81 -7.04
C HIS A 598 -16.14 -21.09 -7.55
N HIS A 599 -14.81 -21.16 -7.45
CA HIS A 599 -14.00 -22.40 -7.55
C HIS A 599 -14.48 -23.40 -6.51
N GLU A 600 -13.98 -24.64 -6.58
CA GLU A 600 -14.50 -25.76 -5.78
C GLU A 600 -14.00 -25.59 -4.33
N LYS A 601 -14.60 -26.34 -3.39
CA LYS A 601 -14.22 -26.41 -1.95
C LYS A 601 -12.74 -26.79 -1.81
N ILE A 602 -12.06 -26.23 -0.81
CA ILE A 602 -10.72 -26.68 -0.31
C ILE A 602 -10.81 -26.91 1.20
N SER A 603 -10.50 -28.13 1.63
CA SER A 603 -10.06 -28.47 3.00
C SER A 603 -8.67 -27.88 3.20
N MET A 604 -8.60 -26.66 3.77
CA MET A 604 -7.35 -25.93 4.09
C MET A 604 -6.27 -26.90 4.59
N ASP A 605 -6.67 -27.84 5.45
CA ASP A 605 -5.78 -28.81 6.16
C ASP A 605 -5.91 -30.17 5.46
N MET A 606 -4.84 -30.61 4.80
CA MET A 606 -4.68 -32.00 4.32
C MET A 606 -5.76 -32.31 3.28
N ASP B 10 27.54 11.56 -21.67
CA ASP B 10 27.32 10.53 -20.59
C ASP B 10 28.44 10.65 -19.53
N ILE B 11 28.58 11.85 -18.94
CA ILE B 11 29.60 12.22 -17.90
C ILE B 11 28.88 12.65 -16.61
N TYR B 12 28.85 11.76 -15.60
CA TYR B 12 28.26 12.01 -14.25
C TYR B 12 29.33 11.75 -13.19
N ALA B 13 29.34 12.60 -12.16
CA ALA B 13 30.18 12.47 -10.95
C ALA B 13 29.47 11.57 -9.92
N ILE B 14 30.24 11.08 -8.95
CA ILE B 14 29.77 10.35 -7.74
C ILE B 14 30.56 10.93 -6.56
N CYS B 15 30.00 10.89 -5.36
CA CYS B 15 30.68 11.36 -4.12
C CYS B 15 29.93 10.90 -2.86
N ALA B 16 30.65 10.98 -1.74
CA ALA B 16 30.14 10.96 -0.36
C ALA B 16 30.55 12.27 0.28
N CYS B 17 29.65 12.91 1.05
CA CYS B 17 29.91 14.17 1.80
C CYS B 17 29.23 14.12 3.18
N CYS B 18 29.99 14.39 4.24
CA CYS B 18 29.57 14.43 5.66
C CYS B 18 29.37 15.90 6.09
N LYS B 19 29.09 16.16 7.37
CA LYS B 19 28.99 17.54 7.95
C LYS B 19 30.36 17.97 8.46
N VAL B 20 30.57 19.27 8.72
CA VAL B 20 31.94 19.83 9.00
C VAL B 20 32.00 20.43 10.42
N VAL B 31 22.04 26.73 11.67
CA VAL B 31 20.91 26.37 10.76
C VAL B 31 21.51 25.75 9.48
N PHE B 32 20.76 24.85 8.84
CA PHE B 32 21.24 23.96 7.74
C PHE B 32 20.44 24.20 6.46
N ASN B 33 21.12 24.18 5.32
CA ASN B 33 20.56 23.96 3.95
C ASN B 33 21.20 22.67 3.39
N ASN B 34 20.95 22.32 2.12
CA ASN B 34 21.48 21.08 1.47
C ASN B 34 23.01 21.04 1.59
N TYR B 35 23.68 22.20 1.40
CA TYR B 35 25.17 22.33 1.29
C TYR B 35 25.86 21.93 2.60
N THR B 36 25.14 21.88 3.73
CA THR B 36 25.62 21.35 5.03
C THR B 36 26.44 20.08 4.78
N PHE B 37 26.08 19.26 3.78
CA PHE B 37 26.85 18.06 3.35
C PHE B 37 27.89 18.45 2.30
N ARG B 38 29.18 18.46 2.68
CA ARG B 38 30.32 18.89 1.82
C ARG B 38 31.63 18.14 2.18
N GLY B 39 31.90 17.83 3.45
CA GLY B 39 33.18 17.21 3.87
C GLY B 39 33.49 15.95 3.08
N LEU B 40 34.57 15.94 2.29
CA LEU B 40 35.01 14.81 1.41
C LEU B 40 36.27 14.11 1.94
N GLY B 41 37.20 14.87 2.56
CA GLY B 41 38.56 14.40 2.91
C GLY B 41 39.14 15.07 4.15
N ASN B 42 39.91 14.30 4.93
CA ASN B 42 40.74 14.77 6.07
C ASN B 42 42.15 14.18 5.91
N LYS B 43 43.16 15.04 5.75
CA LYS B 43 44.60 14.68 5.72
C LYS B 43 44.81 13.56 4.71
N GLY B 44 44.61 13.85 3.42
CA GLY B 44 44.82 12.91 2.29
C GLY B 44 43.93 11.68 2.33
N VAL B 45 43.01 11.55 3.28
CA VAL B 45 42.04 10.41 3.36
C VAL B 45 40.68 10.93 3.81
N LEU B 46 39.72 10.02 4.05
CA LEU B 46 38.29 10.33 4.32
C LEU B 46 38.12 10.76 5.76
N PRO B 47 37.22 11.74 6.05
CA PRO B 47 36.99 12.23 7.41
C PRO B 47 36.49 11.15 8.39
N TRP B 48 35.46 10.38 7.98
CA TRP B 48 35.05 9.09 8.58
C TRP B 48 36.08 8.05 8.11
N LYS B 49 36.27 6.97 8.86
CA LYS B 49 37.32 5.96 8.54
C LYS B 49 36.94 5.27 7.23
N CYS B 50 35.90 4.42 7.25
CA CYS B 50 35.39 3.67 6.08
C CYS B 50 33.97 3.17 6.37
N ASN B 51 33.05 3.45 5.44
CA ASN B 51 31.60 3.12 5.52
C ASN B 51 31.28 1.96 4.57
N SER B 52 30.86 0.80 5.12
CA SER B 52 30.76 -0.50 4.41
C SER B 52 29.67 -0.41 3.32
N LEU B 53 28.59 0.31 3.59
CA LEU B 53 27.40 0.44 2.70
C LEU B 53 27.61 1.57 1.66
N ASP B 54 28.23 2.68 2.05
CA ASP B 54 28.65 3.76 1.11
C ASP B 54 29.66 3.23 0.08
N MET B 55 30.60 2.36 0.51
CA MET B 55 31.59 1.70 -0.38
C MET B 55 30.83 0.74 -1.30
N LYS B 56 29.81 0.04 -0.79
CA LYS B 56 29.04 -0.98 -1.56
C LYS B 56 28.21 -0.27 -2.62
N TYR B 57 27.52 0.83 -2.26
CA TYR B 57 26.73 1.66 -3.21
C TYR B 57 27.72 2.21 -4.24
N PHE B 58 28.67 3.01 -3.77
CA PHE B 58 29.78 3.58 -4.58
C PHE B 58 30.26 2.50 -5.57
N CYS B 59 30.60 1.31 -5.05
CA CYS B 59 31.01 0.11 -5.83
C CYS B 59 29.92 -0.23 -6.87
N ALA B 60 28.70 -0.60 -6.47
CA ALA B 60 27.65 -1.09 -7.40
C ALA B 60 27.30 -0.02 -8.46
N VAL B 61 27.41 1.28 -8.15
CA VAL B 61 27.11 2.37 -9.13
C VAL B 61 28.17 2.35 -10.24
N THR B 62 29.42 2.03 -9.91
CA THR B 62 30.58 2.00 -10.86
C THR B 62 30.89 0.54 -11.27
N THR B 63 30.19 -0.45 -10.72
CA THR B 63 30.30 -1.90 -11.10
C THR B 63 29.18 -2.29 -12.08
N TYR B 64 28.29 -1.35 -12.44
CA TYR B 64 27.11 -1.61 -13.30
C TYR B 64 27.27 -0.85 -14.61
N VAL B 65 27.13 -1.59 -15.71
CA VAL B 65 27.07 -1.07 -17.10
C VAL B 65 25.87 -1.73 -17.78
N ASN B 66 25.02 -0.91 -18.41
CA ASN B 66 23.73 -1.35 -19.03
C ASN B 66 24.07 -2.30 -20.18
N GLU B 67 23.84 -3.61 -19.99
CA GLU B 67 24.26 -4.68 -20.93
C GLU B 67 23.82 -4.32 -22.36
N SER B 68 22.51 -4.42 -22.65
CA SER B 68 21.95 -4.40 -24.03
C SER B 68 21.40 -3.01 -24.37
N LYS B 69 22.25 -2.00 -24.26
CA LYS B 69 21.98 -0.58 -24.61
C LYS B 69 23.34 0.05 -24.88
N TYR B 70 23.35 1.19 -25.58
CA TYR B 70 24.49 2.14 -25.74
C TYR B 70 25.10 2.04 -27.16
N GLU B 71 24.70 1.09 -28.01
CA GLU B 71 25.07 1.15 -29.46
C GLU B 71 24.59 2.51 -29.98
N LYS B 72 23.62 3.11 -29.27
CA LYS B 72 23.07 4.48 -29.45
C LYS B 72 24.08 5.56 -28.99
N LEU B 73 25.20 5.19 -28.35
CA LEU B 73 26.31 6.11 -27.99
C LEU B 73 27.59 5.70 -28.75
N LYS B 74 27.50 4.70 -29.64
CA LYS B 74 28.40 4.55 -30.81
C LYS B 74 27.82 5.45 -31.92
N TYR B 75 26.55 5.82 -31.79
CA TYR B 75 25.88 6.90 -32.56
C TYR B 75 25.42 7.99 -31.58
N LYS B 76 26.40 8.72 -31.04
CA LYS B 76 26.23 9.98 -30.26
C LYS B 76 27.59 10.68 -30.17
N ARG B 77 28.52 10.07 -29.42
CA ARG B 77 29.89 10.58 -29.15
C ARG B 77 30.69 10.62 -30.46
N CYS B 78 30.48 9.66 -31.37
CA CYS B 78 31.19 9.57 -32.68
C CYS B 78 30.50 10.48 -33.71
N LYS B 79 29.25 10.89 -33.47
CA LYS B 79 28.54 11.95 -34.24
C LYS B 79 28.62 13.30 -33.50
N TYR B 80 29.55 13.45 -32.55
CA TYR B 80 29.94 14.77 -31.96
C TYR B 80 31.42 15.06 -32.29
N LEU B 81 32.33 14.09 -32.02
CA LEU B 81 33.77 14.15 -32.40
C LEU B 81 33.92 13.60 -33.83
N ASN B 82 33.12 14.11 -34.76
CA ASN B 82 33.30 14.02 -36.23
C ASN B 82 34.44 13.05 -36.57
N SER B 95 37.61 -6.19 -27.73
CA SER B 95 37.32 -6.20 -26.26
C SER B 95 35.92 -6.80 -26.02
N LYS B 96 34.95 -5.98 -25.61
CA LYS B 96 33.50 -6.27 -25.37
C LYS B 96 33.28 -6.71 -23.91
N LYS B 97 34.34 -6.72 -23.09
CA LYS B 97 34.23 -6.80 -21.59
C LYS B 97 33.36 -5.61 -21.13
N LEU B 98 33.58 -4.42 -21.69
CA LEU B 98 32.76 -3.18 -21.55
C LEU B 98 32.52 -2.85 -20.07
N GLN B 99 33.51 -2.21 -19.43
CA GLN B 99 33.40 -1.56 -18.10
C GLN B 99 32.99 -0.09 -18.33
N ASN B 100 33.02 0.72 -17.27
CA ASN B 100 32.96 2.20 -17.34
C ASN B 100 34.34 2.76 -16.99
N VAL B 101 34.61 3.99 -17.41
CA VAL B 101 35.76 4.80 -16.93
C VAL B 101 35.52 5.15 -15.45
N VAL B 102 36.58 5.54 -14.75
CA VAL B 102 36.55 5.94 -13.31
C VAL B 102 37.63 6.99 -13.09
N VAL B 103 37.33 8.26 -13.44
CA VAL B 103 38.30 9.38 -13.56
C VAL B 103 38.53 10.05 -12.20
N MET B 104 39.75 9.98 -11.67
CA MET B 104 40.17 10.58 -10.38
C MET B 104 41.40 11.47 -10.64
N GLY B 105 42.13 11.85 -9.58
CA GLY B 105 43.40 12.61 -9.65
C GLY B 105 44.48 11.98 -8.78
N ARG B 106 45.75 12.26 -9.10
CA ARG B 106 46.97 11.79 -8.37
C ARG B 106 46.68 11.77 -6.85
N THR B 107 46.32 12.91 -6.28
CA THR B 107 46.07 13.12 -4.82
C THR B 107 45.09 12.04 -4.35
N SER B 108 44.15 11.68 -5.22
CA SER B 108 43.06 10.70 -4.97
C SER B 108 43.46 9.32 -5.49
N TRP B 109 44.49 9.22 -6.34
CA TRP B 109 45.10 7.91 -6.68
C TRP B 109 46.02 7.44 -5.54
N GLU B 110 46.79 8.36 -4.93
CA GLU B 110 47.75 8.10 -3.81
C GLU B 110 46.98 7.81 -2.50
N SER B 111 45.75 8.33 -2.37
CA SER B 111 44.90 8.22 -1.16
C SER B 111 44.44 6.77 -0.94
N ILE B 112 44.15 6.06 -2.03
CA ILE B 112 43.61 4.67 -2.04
C ILE B 112 44.66 3.74 -1.45
N PRO B 113 44.32 2.73 -0.62
CA PRO B 113 45.27 1.67 -0.26
C PRO B 113 45.85 0.92 -1.46
N LYS B 114 47.05 0.36 -1.29
CA LYS B 114 47.83 -0.33 -2.36
C LYS B 114 46.99 -1.47 -2.94
N LYS B 115 46.46 -2.35 -2.07
CA LYS B 115 45.77 -3.62 -2.42
C LYS B 115 44.50 -3.32 -3.25
N PHE B 116 43.84 -2.20 -2.96
CA PHE B 116 42.59 -1.75 -3.64
C PHE B 116 42.87 -1.43 -5.12
N LYS B 117 44.02 -0.82 -5.41
CA LYS B 117 44.36 -0.25 -6.75
C LYS B 117 44.89 -1.36 -7.65
N PRO B 118 44.71 -1.27 -9.00
CA PRO B 118 43.81 -0.30 -9.62
C PRO B 118 42.34 -0.70 -9.39
N LEU B 119 41.40 0.25 -9.52
CA LEU B 119 39.96 0.03 -9.19
C LEU B 119 39.45 -1.21 -9.94
N SER B 120 39.31 -2.33 -9.21
CA SER B 120 38.96 -3.67 -9.74
C SER B 120 37.89 -3.55 -10.83
N ASN B 121 38.17 -4.09 -12.01
CA ASN B 121 37.18 -4.29 -13.11
C ASN B 121 36.58 -2.95 -13.53
N ARG B 122 37.41 -1.89 -13.59
CA ARG B 122 37.03 -0.53 -14.08
C ARG B 122 38.20 0.08 -14.86
N ILE B 123 37.91 0.80 -15.94
CA ILE B 123 38.90 1.56 -16.74
C ILE B 123 39.31 2.80 -15.94
N ASN B 124 40.37 2.71 -15.14
CA ASN B 124 40.82 3.84 -14.27
C ASN B 124 41.56 4.86 -15.14
N VAL B 125 41.21 6.13 -15.00
CA VAL B 125 41.99 7.28 -15.54
C VAL B 125 42.50 8.08 -14.33
N ILE B 126 43.50 8.93 -14.55
CA ILE B 126 44.00 9.90 -13.54
C ILE B 126 44.25 11.23 -14.26
N LEU B 127 43.44 12.26 -14.03
CA LEU B 127 43.83 13.64 -14.45
C LEU B 127 45.15 13.96 -13.74
N SER B 128 46.18 14.40 -14.49
CA SER B 128 47.52 14.70 -13.92
C SER B 128 48.26 15.80 -14.67
N ARG B 129 49.26 16.38 -13.99
CA ARG B 129 50.38 17.18 -14.53
C ARG B 129 51.68 16.36 -14.36
N THR B 130 52.04 16.06 -13.11
CA THR B 130 53.37 15.56 -12.67
C THR B 130 53.57 14.09 -13.07
N LEU B 131 52.49 13.31 -13.15
CA LEU B 131 52.54 11.84 -13.44
C LEU B 131 52.79 11.64 -14.94
N LYS B 132 53.25 10.45 -15.33
CA LYS B 132 53.47 10.03 -16.74
C LYS B 132 53.14 8.52 -16.91
N LYS B 133 53.08 8.04 -18.16
CA LYS B 133 52.75 6.63 -18.51
C LYS B 133 54.03 5.79 -18.45
N GLU B 134 55.08 6.32 -17.81
CA GLU B 134 56.43 5.71 -17.60
C GLU B 134 56.69 5.57 -16.09
N ASP B 135 55.63 5.71 -15.28
CA ASP B 135 55.52 5.23 -13.87
C ASP B 135 54.29 4.30 -13.73
N PHE B 136 53.49 4.14 -14.79
CA PHE B 136 52.17 3.43 -14.80
C PHE B 136 51.95 2.74 -16.16
N ASP B 137 50.80 2.08 -16.36
CA ASP B 137 50.58 1.04 -17.42
C ASP B 137 49.89 1.65 -18.67
N GLU B 138 49.38 0.78 -19.57
CA GLU B 138 48.60 1.11 -20.81
C GLU B 138 47.11 0.74 -20.64
N ASP B 139 46.79 -0.17 -19.70
CA ASP B 139 45.41 -0.59 -19.31
C ASP B 139 44.75 0.57 -18.53
N VAL B 140 45.52 1.11 -17.56
CA VAL B 140 45.29 2.41 -16.85
C VAL B 140 45.61 3.54 -17.82
N TYR B 141 45.23 4.79 -17.53
CA TYR B 141 45.51 5.96 -18.40
C TYR B 141 45.86 7.18 -17.53
N ILE B 142 46.34 8.25 -18.16
CA ILE B 142 46.33 9.65 -17.62
C ILE B 142 45.97 10.61 -18.76
N ILE B 143 45.74 11.89 -18.39
CA ILE B 143 45.37 13.03 -19.27
C ILE B 143 46.24 14.22 -18.84
N ASN B 144 46.66 15.06 -19.79
CA ASN B 144 47.45 16.31 -19.55
C ASN B 144 46.60 17.27 -18.69
N LYS B 145 45.35 17.46 -19.08
CA LYS B 145 44.38 18.34 -18.38
C LYS B 145 42.96 17.82 -18.64
N VAL B 146 41.97 18.45 -18.00
CA VAL B 146 40.51 18.10 -18.13
C VAL B 146 40.06 18.27 -19.59
N GLU B 147 40.54 19.30 -20.29
CA GLU B 147 40.27 19.48 -21.75
C GLU B 147 40.80 18.23 -22.49
N ASP B 148 41.97 17.72 -22.08
CA ASP B 148 42.66 16.55 -22.69
C ASP B 148 42.07 15.23 -22.16
N LEU B 149 41.05 15.26 -21.28
CA LEU B 149 40.28 14.03 -20.91
C LEU B 149 39.48 13.58 -22.13
N ILE B 150 38.78 14.52 -22.77
CA ILE B 150 37.93 14.26 -23.97
C ILE B 150 38.81 13.66 -25.09
N VAL B 151 40.15 13.82 -24.99
CA VAL B 151 41.19 13.18 -25.88
C VAL B 151 41.10 11.65 -25.74
N LEU B 152 40.96 11.15 -24.51
CA LEU B 152 40.86 9.69 -24.21
C LEU B 152 39.40 9.24 -24.36
N LEU B 153 38.44 10.11 -24.01
CA LEU B 153 36.99 9.81 -24.05
C LEU B 153 36.58 9.62 -25.51
N GLY B 154 37.00 10.56 -26.37
CA GLY B 154 36.89 10.45 -27.82
C GLY B 154 37.93 9.50 -28.41
N LYS B 155 38.46 8.56 -27.62
CA LYS B 155 39.42 7.50 -28.04
C LYS B 155 39.07 6.13 -27.40
N LEU B 156 38.36 6.11 -26.27
CA LEU B 156 38.16 4.88 -25.45
C LEU B 156 36.77 4.28 -25.70
N ASN B 157 36.51 3.13 -25.06
CA ASN B 157 35.25 2.34 -25.13
C ASN B 157 34.72 1.99 -23.72
N TYR B 158 33.47 2.35 -23.42
CA TYR B 158 32.78 2.16 -22.11
C TYR B 158 31.27 2.26 -22.31
N TYR B 159 30.58 2.80 -21.30
CA TYR B 159 29.14 3.20 -21.34
C TYR B 159 29.06 4.66 -20.85
N LYS B 160 29.45 4.90 -19.58
CA LYS B 160 29.33 6.21 -18.89
C LYS B 160 30.61 6.56 -18.12
N CYS B 161 30.92 7.86 -18.09
CA CYS B 161 32.10 8.44 -17.41
C CYS B 161 31.72 8.80 -15.97
N PHE B 162 32.22 8.03 -15.00
CA PHE B 162 32.07 8.27 -13.53
C PHE B 162 33.32 9.03 -13.07
N ILE B 163 33.09 10.17 -12.40
CA ILE B 163 34.14 11.09 -11.89
C ILE B 163 34.12 11.06 -10.35
N ILE B 164 35.05 10.34 -9.75
CA ILE B 164 35.24 10.20 -8.27
C ILE B 164 36.11 11.36 -7.79
N GLY B 165 36.86 11.95 -8.72
CA GLY B 165 37.60 13.23 -8.64
C GLY B 165 38.03 13.63 -7.24
N GLY B 166 37.72 14.86 -6.86
CA GLY B 166 38.16 15.46 -5.59
C GLY B 166 37.88 16.96 -5.54
N SER B 167 38.20 17.57 -4.39
CA SER B 167 38.04 19.02 -4.09
C SER B 167 38.13 19.83 -5.38
N VAL B 168 39.16 19.59 -6.18
CA VAL B 168 39.52 20.40 -7.38
C VAL B 168 39.08 19.68 -8.66
N VAL B 169 39.11 18.34 -8.70
CA VAL B 169 38.67 17.56 -9.90
C VAL B 169 37.13 17.62 -10.01
N TYR B 170 36.45 17.92 -8.90
CA TYR B 170 34.98 18.18 -8.87
C TYR B 170 34.76 19.64 -9.30
N GLN B 171 35.29 20.61 -8.54
CA GLN B 171 35.16 22.06 -8.82
C GLN B 171 35.38 22.31 -10.32
N GLU B 172 36.34 21.59 -10.92
CA GLU B 172 36.75 21.79 -12.34
C GLU B 172 35.66 21.28 -13.29
N PHE B 173 34.77 20.38 -12.86
CA PHE B 173 33.65 19.88 -13.69
C PHE B 173 32.32 20.54 -13.30
N LEU B 174 32.36 21.56 -12.44
CA LEU B 174 31.19 22.44 -12.15
C LEU B 174 31.37 23.77 -12.90
N GLU B 175 32.56 24.39 -12.79
CA GLU B 175 32.92 25.64 -13.50
C GLU B 175 32.99 25.34 -15.00
N LYS B 176 33.59 24.20 -15.39
CA LYS B 176 33.46 23.61 -16.75
C LYS B 176 32.20 22.74 -16.75
N LYS B 177 31.04 23.31 -17.07
CA LYS B 177 29.70 22.70 -16.83
C LYS B 177 29.59 21.38 -17.61
N LEU B 178 30.43 20.40 -17.23
CA LEU B 178 30.65 19.10 -17.92
C LEU B 178 29.67 18.05 -17.38
N ILE B 179 29.46 18.05 -16.06
CA ILE B 179 28.72 17.03 -15.25
C ILE B 179 27.21 17.19 -15.49
N LYS B 180 26.53 16.10 -15.85
CA LYS B 180 25.07 16.08 -16.19
C LYS B 180 24.31 15.21 -15.16
N LYS B 181 24.90 14.99 -13.97
CA LYS B 181 24.29 14.26 -12.82
C LYS B 181 25.35 13.91 -11.77
N ILE B 182 24.97 13.92 -10.49
CA ILE B 182 25.82 13.50 -9.34
C ILE B 182 25.13 12.36 -8.60
N TYR B 183 25.90 11.42 -8.04
CA TYR B 183 25.41 10.23 -7.30
C TYR B 183 25.91 10.33 -5.86
N PHE B 184 25.27 11.25 -5.13
CA PHE B 184 25.71 11.85 -3.85
C PHE B 184 25.30 10.93 -2.68
N THR B 185 26.27 10.47 -1.89
CA THR B 185 26.01 9.89 -0.54
C THR B 185 26.00 11.05 0.46
N ARG B 186 25.01 11.10 1.36
CA ARG B 186 25.00 12.08 2.50
C ARG B 186 25.27 11.32 3.79
N ILE B 187 26.46 11.49 4.36
CA ILE B 187 26.85 10.87 5.67
C ILE B 187 26.31 11.83 6.74
N ASN B 188 25.33 11.38 7.54
CA ASN B 188 24.65 12.24 8.54
C ASN B 188 25.44 12.18 9.84
N SER B 189 26.76 12.46 9.77
CA SER B 189 27.69 12.67 10.91
C SER B 189 28.65 13.84 10.60
N THR B 190 29.17 14.48 11.67
CA THR B 190 30.08 15.65 11.65
C THR B 190 31.51 15.22 12.01
N TYR B 191 32.44 15.32 11.06
CA TYR B 191 33.87 14.95 11.24
C TYR B 191 34.80 16.17 11.07
N GLU B 192 36.11 15.91 11.17
CA GLU B 192 37.23 16.82 10.85
C GLU B 192 37.50 16.76 9.34
N CYS B 193 37.67 17.91 8.67
CA CYS B 193 37.83 18.02 7.20
C CYS B 193 38.76 19.19 6.82
N ASP B 194 39.58 19.01 5.80
CA ASP B 194 40.42 20.08 5.19
C ASP B 194 39.87 20.42 3.79
N VAL B 195 39.47 19.41 3.00
CA VAL B 195 38.85 19.61 1.65
C VAL B 195 37.31 19.62 1.81
N PHE B 196 36.60 20.12 0.79
CA PHE B 196 35.12 20.23 0.74
C PHE B 196 34.62 19.99 -0.70
N PHE B 197 33.31 19.94 -0.90
CA PHE B 197 32.65 19.83 -2.23
C PHE B 197 32.29 21.24 -2.67
N PRO B 198 32.29 21.53 -3.98
CA PRO B 198 31.85 22.84 -4.44
C PRO B 198 30.34 22.93 -4.26
N GLU B 199 29.88 23.98 -3.57
CA GLU B 199 28.43 24.29 -3.41
C GLU B 199 27.76 24.18 -4.78
N ILE B 200 26.84 23.22 -4.93
CA ILE B 200 26.05 23.01 -6.19
C ILE B 200 25.11 24.20 -6.34
N ASN B 201 24.89 24.64 -7.60
CA ASN B 201 24.27 25.95 -7.92
C ASN B 201 22.75 25.78 -7.87
N GLU B 202 22.10 26.49 -6.94
CA GLU B 202 20.68 26.33 -6.51
C GLU B 202 19.77 26.05 -7.72
N ASN B 203 20.07 26.66 -8.88
CA ASN B 203 19.33 26.45 -10.16
C ASN B 203 20.09 25.47 -11.08
N GLU B 204 21.39 25.69 -11.31
CA GLU B 204 22.24 24.95 -12.29
C GLU B 204 21.96 23.43 -12.23
N TYR B 205 21.78 22.87 -11.03
CA TYR B 205 21.40 21.46 -10.78
C TYR B 205 20.22 21.37 -9.80
N GLN B 206 19.47 20.26 -9.83
CA GLN B 206 18.39 19.95 -8.86
C GLN B 206 18.24 18.42 -8.68
N ILE B 207 18.23 17.98 -7.43
CA ILE B 207 17.85 16.61 -6.97
C ILE B 207 16.57 16.17 -7.69
N ILE B 208 16.53 14.94 -8.22
CA ILE B 208 15.30 14.34 -8.81
C ILE B 208 15.07 12.95 -8.21
N SER B 209 15.90 12.51 -7.24
CA SER B 209 15.71 11.18 -6.61
C SER B 209 16.44 11.09 -5.26
N VAL B 210 15.74 10.53 -4.26
CA VAL B 210 16.14 10.41 -2.82
C VAL B 210 15.97 8.94 -2.44
N SER B 211 16.97 8.30 -1.83
CA SER B 211 16.90 6.85 -1.53
C SER B 211 16.23 6.61 -0.18
N ASP B 212 16.07 5.32 0.13
CA ASP B 212 15.87 4.82 1.50
C ASP B 212 16.99 5.36 2.38
N VAL B 213 16.70 5.62 3.67
CA VAL B 213 17.71 5.95 4.72
C VAL B 213 18.18 4.61 5.33
N TYR B 214 19.45 4.50 5.67
CA TYR B 214 20.07 3.25 6.19
C TYR B 214 21.04 3.60 7.31
N THR B 215 21.47 2.59 8.09
CA THR B 215 22.58 2.67 9.09
C THR B 215 23.72 1.73 8.68
N SER B 216 24.95 2.25 8.76
CA SER B 216 26.25 1.57 8.53
C SER B 216 27.26 2.31 9.39
N ASN B 217 28.16 1.58 10.06
CA ASN B 217 29.23 2.16 10.93
C ASN B 217 28.67 3.28 11.82
N ASN B 218 27.51 3.08 12.45
CA ASN B 218 26.95 3.94 13.52
C ASN B 218 26.69 5.37 13.00
N THR B 219 26.41 5.51 11.70
CA THR B 219 25.91 6.77 11.09
C THR B 219 24.70 6.45 10.21
N THR B 220 23.72 7.34 10.19
CA THR B 220 22.68 7.40 9.14
C THR B 220 23.28 8.01 7.86
N LEU B 221 22.85 7.48 6.72
CA LEU B 221 23.21 7.95 5.37
C LEU B 221 22.02 7.63 4.46
N ASP B 222 21.88 8.39 3.38
CA ASP B 222 20.92 8.17 2.26
C ASP B 222 21.66 8.45 0.95
N PHE B 223 21.03 8.19 -0.19
CA PHE B 223 21.65 8.36 -1.53
C PHE B 223 20.73 9.19 -2.42
N ILE B 224 21.18 10.39 -2.81
CA ILE B 224 20.41 11.34 -3.67
C ILE B 224 21.08 11.47 -5.05
N ILE B 225 20.27 11.69 -6.08
CA ILE B 225 20.75 11.86 -7.47
C ILE B 225 20.40 13.28 -7.90
N TYR B 226 21.41 14.01 -8.39
CA TYR B 226 21.34 15.41 -8.87
C TYR B 226 21.36 15.40 -10.41
N LYS B 227 20.60 16.28 -11.05
CA LYS B 227 20.47 16.34 -12.53
C LYS B 227 20.75 17.77 -13.02
N LYS B 228 21.50 17.88 -14.13
CA LYS B 228 21.62 19.12 -14.93
C LYS B 228 20.22 19.52 -15.40
N THR B 229 19.77 20.72 -15.02
CA THR B 229 18.52 21.32 -15.58
C THR B 229 18.74 21.57 -17.07
N ASN B 230 17.70 21.34 -17.88
CA ASN B 230 17.64 21.70 -19.33
C ASN B 230 17.82 23.21 -19.50
N ASN B 231 17.81 23.95 -18.37
CA ASN B 231 18.04 25.42 -18.26
C ASN B 231 19.55 25.71 -18.14
N ASP B 283 7.17 -7.36 -24.11
CA ASP B 283 5.73 -7.13 -24.45
C ASP B 283 5.36 -5.67 -24.17
N ASP B 284 5.55 -4.80 -25.18
CA ASP B 284 5.04 -3.40 -25.20
C ASP B 284 3.53 -3.41 -25.48
N GLU B 285 3.00 -4.56 -25.94
CA GLU B 285 1.56 -4.91 -26.02
C GLU B 285 0.83 -4.43 -24.76
N GLU B 286 1.15 -5.06 -23.61
CA GLU B 286 0.45 -4.97 -22.30
C GLU B 286 0.74 -3.61 -21.63
N GLU B 287 0.69 -2.50 -22.38
CA GLU B 287 0.73 -1.12 -21.84
C GLU B 287 -0.55 -0.38 -22.27
N ASP B 288 -1.16 -0.77 -23.38
CA ASP B 288 -2.54 -0.36 -23.75
C ASP B 288 -3.52 -1.10 -22.83
N ASP B 289 -3.24 -2.37 -22.53
CA ASP B 289 -3.98 -3.19 -21.54
C ASP B 289 -4.12 -2.44 -20.22
N PHE B 290 -3.07 -1.74 -19.80
CA PHE B 290 -3.06 -0.80 -18.64
C PHE B 290 -4.12 0.28 -18.86
N VAL B 291 -4.16 0.89 -20.05
CA VAL B 291 -5.05 2.06 -20.30
C VAL B 291 -6.50 1.58 -20.22
N TYR B 292 -6.77 0.41 -20.80
CA TYR B 292 -8.12 -0.17 -20.89
C TYR B 292 -8.62 -0.43 -19.47
N PHE B 293 -7.77 -0.99 -18.62
CA PHE B 293 -8.05 -1.21 -17.18
C PHE B 293 -8.24 0.13 -16.47
N ASN B 294 -7.58 1.20 -16.91
CA ASN B 294 -7.65 2.54 -16.27
C ASN B 294 -8.76 3.35 -16.92
N PHE B 295 -9.82 2.68 -17.35
CA PHE B 295 -10.89 3.30 -18.17
C PHE B 295 -11.96 3.97 -17.30
N ASN B 296 -11.94 3.83 -15.98
CA ASN B 296 -13.06 4.31 -15.12
C ASN B 296 -12.53 5.16 -13.97
N LYS B 297 -11.48 5.96 -14.21
CA LYS B 297 -10.86 6.89 -13.22
C LYS B 297 -11.33 8.32 -13.51
N GLU B 298 -11.62 9.11 -12.47
CA GLU B 298 -12.48 10.33 -12.54
C GLU B 298 -11.76 11.47 -13.29
N LYS B 299 -10.45 11.65 -13.12
CA LYS B 299 -9.75 12.95 -13.33
C LYS B 299 -9.58 13.25 -14.82
N GLU B 300 -10.46 14.10 -15.38
CA GLU B 300 -10.47 14.56 -16.80
C GLU B 300 -9.65 15.87 -16.93
N GLU B 301 -8.52 15.99 -16.20
CA GLU B 301 -7.73 17.24 -16.01
C GLU B 301 -8.40 18.10 -14.92
N LYS B 302 -9.71 17.92 -14.67
CA LYS B 302 -10.50 18.62 -13.60
C LYS B 302 -9.87 18.27 -12.24
N ASN B 303 -9.30 19.27 -11.53
CA ASN B 303 -8.53 19.06 -10.26
C ASN B 303 -9.52 18.51 -9.22
N LYS B 304 -9.39 17.22 -8.88
CA LYS B 304 -10.34 16.45 -8.01
C LYS B 304 -10.53 17.26 -6.74
N ASN B 305 -9.44 17.81 -6.23
CA ASN B 305 -9.44 18.91 -5.23
C ASN B 305 -8.68 20.13 -5.78
N SER B 306 -8.99 21.27 -5.14
CA SER B 306 -8.84 22.70 -5.56
C SER B 306 -7.38 23.14 -5.48
N ILE B 307 -6.50 22.25 -4.98
CA ILE B 307 -5.02 22.45 -4.89
C ILE B 307 -4.47 22.55 -6.31
N HIS B 308 -3.42 23.37 -6.47
CA HIS B 308 -2.71 23.53 -7.76
C HIS B 308 -1.40 22.76 -7.68
N PRO B 309 -1.35 21.53 -8.24
CA PRO B 309 -0.12 20.72 -8.27
C PRO B 309 1.07 21.46 -8.91
N ASN B 310 0.81 22.36 -9.86
CA ASN B 310 1.76 23.33 -10.45
C ASN B 310 2.63 23.98 -9.37
N ASP B 311 2.30 23.80 -8.08
CA ASP B 311 3.03 24.37 -6.92
C ASP B 311 3.91 23.30 -6.24
N PHE B 312 3.66 22.01 -6.45
CA PHE B 312 4.51 20.88 -5.99
C PHE B 312 5.53 20.48 -7.07
N GLN B 313 6.08 21.44 -7.81
CA GLN B 313 6.90 21.14 -9.02
C GLN B 313 8.09 20.25 -8.62
N ILE B 314 8.79 20.65 -7.56
CA ILE B 314 9.93 19.87 -6.99
C ILE B 314 9.42 18.50 -6.53
N TYR B 315 8.23 18.43 -5.95
CA TYR B 315 7.67 17.12 -5.50
C TYR B 315 7.37 16.29 -6.75
N ASN B 316 6.57 16.81 -7.67
CA ASN B 316 6.11 16.11 -8.90
C ASN B 316 7.32 15.75 -9.78
N SER B 317 8.38 16.55 -9.74
CA SER B 317 9.58 16.31 -10.57
C SER B 317 10.25 15.00 -10.12
N LEU B 318 10.16 14.66 -8.84
CA LEU B 318 10.94 13.55 -8.21
C LEU B 318 10.51 12.20 -8.80
N LYS B 319 11.47 11.54 -9.46
CA LYS B 319 11.36 10.20 -10.11
C LYS B 319 11.17 9.12 -9.03
N TYR B 320 12.18 8.93 -8.17
CA TYR B 320 12.17 7.93 -7.07
C TYR B 320 12.15 8.65 -5.73
N LYS B 321 11.08 8.43 -4.97
CA LYS B 321 10.84 9.03 -3.65
C LYS B 321 10.79 7.90 -2.62
N TYR B 322 11.96 7.34 -2.32
CA TYR B 322 12.17 6.11 -1.53
C TYR B 322 12.54 6.45 -0.07
N HIS B 323 12.89 7.70 0.22
CA HIS B 323 13.08 8.17 1.63
C HIS B 323 11.79 7.85 2.37
N PRO B 324 11.81 7.42 3.66
CA PRO B 324 10.57 7.03 4.36
C PRO B 324 9.68 8.22 4.73
N GLU B 325 10.27 9.41 4.89
CA GLU B 325 9.52 10.68 5.12
C GLU B 325 8.46 10.86 4.03
N TYR B 326 8.62 10.20 2.89
CA TYR B 326 7.66 10.25 1.76
C TYR B 326 6.42 9.39 2.10
N GLN B 327 6.44 8.60 3.17
CA GLN B 327 5.21 7.94 3.68
C GLN B 327 4.27 9.04 4.19
N TYR B 328 4.76 9.92 5.05
CA TYR B 328 4.02 11.10 5.54
C TYR B 328 3.55 11.98 4.36
N LEU B 329 4.51 12.61 3.67
CA LEU B 329 4.33 13.59 2.56
C LEU B 329 3.36 13.06 1.50
N ASN B 330 3.42 11.77 1.17
CA ASN B 330 2.55 11.12 0.14
C ASN B 330 1.11 10.97 0.62
N ILE B 331 0.89 10.86 1.93
CA ILE B 331 -0.48 10.92 2.52
C ILE B 331 -0.94 12.37 2.60
N ILE B 332 -0.04 13.33 2.77
CA ILE B 332 -0.43 14.76 2.62
C ILE B 332 -0.94 14.96 1.19
N TYR B 333 -0.14 14.57 0.17
CA TYR B 333 -0.51 14.68 -1.26
C TYR B 333 -1.88 14.07 -1.49
N ASP B 334 -2.05 12.79 -1.10
CA ASP B 334 -3.32 12.06 -1.33
C ASP B 334 -4.47 12.88 -0.73
N ILE B 335 -4.40 13.30 0.52
CA ILE B 335 -5.61 13.89 1.15
C ILE B 335 -5.92 15.19 0.43
N MET B 336 -4.89 15.96 0.07
CA MET B 336 -5.04 17.25 -0.63
C MET B 336 -5.74 17.04 -1.98
N MET B 337 -5.43 15.95 -2.68
CA MET B 337 -5.83 15.78 -4.09
C MET B 337 -7.13 14.97 -4.20
N ASN B 338 -7.49 14.19 -3.16
CA ASN B 338 -8.60 13.22 -3.27
C ASN B 338 -9.45 13.17 -2.02
N GLY B 339 -9.16 14.04 -1.04
CA GLY B 339 -9.83 14.10 0.28
C GLY B 339 -11.25 14.62 0.16
N ASN B 340 -12.13 14.14 1.04
CA ASN B 340 -13.54 14.56 1.10
C ASN B 340 -13.58 15.88 1.87
N LYS B 341 -14.24 16.89 1.32
CA LYS B 341 -14.50 18.20 1.98
C LYS B 341 -15.56 18.02 3.09
N GLN B 342 -15.19 18.23 4.35
CA GLN B 342 -16.08 18.10 5.54
C GLN B 342 -15.93 19.34 6.43
N SER B 343 -17.04 19.78 7.03
CA SER B 343 -17.08 20.89 8.04
C SER B 343 -17.40 20.30 9.41
N ASP B 344 -16.48 20.45 10.38
CA ASP B 344 -16.61 19.91 11.77
C ASP B 344 -17.73 20.66 12.53
N ARG B 345 -17.76 20.47 13.85
CA ARG B 345 -18.60 21.27 14.80
C ARG B 345 -18.29 22.76 14.55
N THR B 346 -17.06 23.19 14.87
CA THR B 346 -16.54 24.59 14.75
C THR B 346 -16.97 25.22 13.42
N GLY B 347 -16.87 24.44 12.34
CA GLY B 347 -16.98 24.88 10.94
C GLY B 347 -15.60 25.10 10.32
N VAL B 348 -14.56 24.48 10.89
CA VAL B 348 -13.13 24.77 10.51
C VAL B 348 -12.97 24.43 9.03
N GLY B 349 -13.32 23.21 8.63
CA GLY B 349 -13.07 22.72 7.26
C GLY B 349 -11.81 21.87 7.20
N VAL B 350 -11.94 20.65 6.69
CA VAL B 350 -10.82 19.67 6.54
C VAL B 350 -11.03 18.88 5.25
N LEU B 351 -9.95 18.48 4.60
CA LEU B 351 -9.95 17.32 3.68
C LEU B 351 -9.71 16.05 4.51
N SER B 352 -10.53 15.02 4.35
CA SER B 352 -10.37 13.72 5.08
C SER B 352 -10.44 12.51 4.15
N LYS B 353 -9.59 11.52 4.41
CA LYS B 353 -9.65 10.13 3.89
C LYS B 353 -9.70 9.17 5.10
N PHE B 354 -9.76 7.85 4.87
CA PHE B 354 -9.97 6.80 5.90
C PHE B 354 -9.10 5.57 5.62
N GLY B 355 -8.21 5.20 6.55
CA GLY B 355 -7.39 3.98 6.46
C GLY B 355 -6.07 4.19 5.72
N TYR B 356 -5.00 4.47 6.46
CA TYR B 356 -3.62 4.39 5.90
C TYR B 356 -2.75 3.55 6.83
N ILE B 357 -1.53 3.24 6.38
CA ILE B 357 -0.45 2.58 7.16
C ILE B 357 0.87 3.27 6.82
N MET B 358 1.68 3.60 7.81
CA MET B 358 3.10 4.03 7.60
C MET B 358 3.92 3.07 8.45
N LYS B 359 5.07 2.64 7.92
CA LYS B 359 5.95 1.64 8.58
C LYS B 359 7.34 2.23 8.61
N PHE B 360 7.91 2.42 9.78
CA PHE B 360 9.29 2.97 9.91
C PHE B 360 10.19 1.90 10.50
N ASP B 361 11.39 1.78 9.93
CA ASP B 361 12.43 0.78 10.31
C ASP B 361 13.35 1.42 11.34
N LEU B 362 13.04 1.24 12.61
CA LEU B 362 13.75 1.97 13.70
C LEU B 362 15.15 1.39 13.91
N SER B 363 15.49 0.30 13.23
CA SER B 363 16.84 -0.32 13.27
C SER B 363 17.74 0.39 12.26
N GLN B 364 17.19 1.22 11.38
CA GLN B 364 18.00 1.97 10.38
C GLN B 364 17.95 3.49 10.61
N TYR B 365 17.02 4.00 11.42
CA TYR B 365 16.82 5.46 11.62
C TYR B 365 15.74 5.73 12.67
N PHE B 366 15.72 6.96 13.15
CA PHE B 366 14.61 7.54 13.95
C PHE B 366 13.80 8.46 13.04
N PRO B 367 12.52 8.15 12.75
CA PRO B 367 11.71 8.87 11.78
C PRO B 367 11.13 10.21 12.27
N LEU B 368 12.00 11.19 12.45
CA LEU B 368 11.63 12.55 12.93
C LEU B 368 11.64 13.46 11.71
N LEU B 369 10.44 13.81 11.23
CA LEU B 369 10.26 14.54 9.94
C LEU B 369 11.32 15.63 9.83
N THR B 370 11.94 15.70 8.64
CA THR B 370 13.04 16.65 8.32
C THR B 370 12.50 17.86 7.53
N THR B 371 11.29 17.83 6.96
CA THR B 371 10.79 18.88 6.04
C THR B 371 10.27 20.10 6.81
N LYS B 372 10.37 20.07 8.14
CA LYS B 372 10.01 21.19 9.06
C LYS B 372 10.61 20.85 10.42
N LYS B 373 11.19 21.85 11.09
CA LYS B 373 11.79 21.69 12.42
C LYS B 373 10.73 21.08 13.37
N LEU B 374 11.07 19.95 13.97
CA LEU B 374 10.32 19.33 15.09
C LEU B 374 11.15 19.36 16.36
N PHE B 375 10.55 19.79 17.48
CA PHE B 375 11.04 19.67 18.88
C PHE B 375 10.39 18.49 19.60
N LEU B 376 11.07 17.84 20.56
CA LEU B 376 10.53 16.62 21.21
C LEU B 376 10.54 16.65 22.74
N ARG B 377 11.02 17.68 23.42
CA ARG B 377 11.11 17.59 24.90
C ARG B 377 9.70 17.38 25.45
N GLY B 378 8.74 18.16 24.96
CA GLY B 378 7.33 18.04 25.34
C GLY B 378 6.84 16.60 25.23
N ILE B 379 6.91 15.99 24.06
CA ILE B 379 6.21 14.69 23.83
C ILE B 379 6.88 13.57 24.64
N ILE B 380 8.20 13.66 24.88
CA ILE B 380 8.94 12.69 25.74
C ILE B 380 8.42 12.80 27.18
N GLU B 381 8.24 14.03 27.71
CA GLU B 381 7.72 14.28 29.09
C GLU B 381 6.25 13.82 29.22
N GLU B 382 5.46 13.98 28.15
CA GLU B 382 4.08 13.45 28.07
C GLU B 382 4.11 11.91 28.20
N LEU B 383 5.11 11.27 27.57
CA LEU B 383 5.30 9.80 27.55
C LEU B 383 5.72 9.32 28.95
N LEU B 384 6.54 10.10 29.66
CA LEU B 384 6.95 9.70 31.04
C LEU B 384 5.73 9.77 31.97
N TRP B 385 5.07 10.91 31.99
CA TRP B 385 3.76 11.16 32.64
C TRP B 385 2.78 9.98 32.49
N PHE B 386 2.55 9.51 31.27
CA PHE B 386 1.65 8.37 30.99
C PHE B 386 2.12 7.14 31.77
N ILE B 387 3.41 6.86 31.66
CA ILE B 387 4.06 5.63 32.20
C ILE B 387 3.97 5.67 33.72
N ARG B 388 4.08 6.84 34.32
CA ARG B 388 3.93 7.00 35.79
C ARG B 388 2.47 6.76 36.25
N GLY B 389 1.49 6.78 35.31
CA GLY B 389 0.05 6.68 35.57
C GLY B 389 -0.62 8.02 35.91
N GLU B 390 0.03 9.14 35.66
CA GLU B 390 -0.52 10.47 36.02
C GLU B 390 -1.69 10.84 35.12
N THR B 391 -2.63 11.58 35.68
CA THR B 391 -3.68 12.34 34.99
C THR B 391 -3.63 13.79 35.50
N ASN B 392 -2.68 14.10 36.38
CA ASN B 392 -2.48 15.47 36.92
C ASN B 392 -1.87 16.36 35.83
N GLY B 393 -2.74 17.08 35.11
CA GLY B 393 -2.35 18.09 34.12
C GLY B 393 -1.28 19.01 34.66
N ASN B 394 -1.45 19.52 35.86
CA ASN B 394 -0.52 20.51 36.46
C ASN B 394 0.91 19.98 36.36
N THR B 395 1.15 18.68 36.58
CA THR B 395 2.52 18.11 36.55
C THR B 395 3.22 18.56 35.25
N LEU B 396 2.56 18.33 34.10
CA LEU B 396 3.06 18.74 32.77
C LEU B 396 3.21 20.28 32.68
N LEU B 397 2.23 21.06 33.20
CA LEU B 397 2.17 22.53 33.00
C LEU B 397 3.32 23.20 33.76
N ASN B 398 3.64 22.68 34.94
CA ASN B 398 4.78 23.13 35.77
C ASN B 398 6.10 22.81 35.07
N LYS B 399 6.13 21.94 34.04
CA LYS B 399 7.34 21.74 33.18
C LYS B 399 7.18 22.43 31.83
N ASN B 400 6.11 23.21 31.63
CA ASN B 400 5.89 24.03 30.40
C ASN B 400 5.74 23.08 29.21
N VAL B 401 5.14 21.92 29.49
CA VAL B 401 4.50 21.03 28.49
C VAL B 401 3.00 21.32 28.58
N ARG B 402 2.39 21.76 27.47
CA ARG B 402 1.04 22.40 27.41
C ARG B 402 0.15 21.68 26.38
N ILE B 403 0.53 20.47 26.02
CA ILE B 403 -0.24 19.54 25.15
C ILE B 403 -1.66 19.41 25.68
N TRP B 404 -1.84 19.25 26.99
CA TRP B 404 -3.14 18.94 27.64
C TRP B 404 -3.74 20.17 28.33
N GLU B 405 -3.11 21.35 28.22
CA GLU B 405 -3.62 22.62 28.81
C GLU B 405 -5.07 22.88 28.44
N ALA B 406 -5.35 23.17 27.17
CA ALA B 406 -6.69 23.63 26.70
C ALA B 406 -7.79 22.64 27.13
N ASN B 407 -7.44 21.38 27.42
CA ASN B 407 -8.41 20.31 27.79
C ASN B 407 -8.64 20.27 29.29
N GLY B 408 -7.84 21.01 30.06
CA GLY B 408 -8.01 21.12 31.52
C GLY B 408 -8.91 22.26 31.96
N THR B 409 -9.32 23.18 31.08
CA THR B 409 -9.95 24.45 31.56
C THR B 409 -11.29 24.11 32.22
N ARG B 410 -11.71 24.98 33.15
CA ARG B 410 -13.11 24.98 33.69
C ARG B 410 -14.05 24.88 32.50
N GLU B 411 -13.77 25.62 31.42
CA GLU B 411 -14.70 25.77 30.28
C GLU B 411 -14.79 24.44 29.51
N PHE B 412 -13.66 23.85 29.14
CA PHE B 412 -13.57 22.57 28.39
C PHE B 412 -14.21 21.41 29.15
N LEU B 413 -13.92 21.31 30.45
CA LEU B 413 -14.48 20.24 31.31
C LEU B 413 -15.99 20.47 31.46
N ASP B 414 -16.43 21.71 31.61
CA ASP B 414 -17.88 22.01 31.71
C ASP B 414 -18.56 21.59 30.40
N ASN B 415 -17.96 21.89 29.25
CA ASN B 415 -18.58 21.58 27.92
C ASN B 415 -18.64 20.06 27.74
N ARG B 416 -17.64 19.31 28.24
CA ARG B 416 -17.62 17.81 28.31
C ARG B 416 -18.67 17.29 29.32
N LYS B 417 -19.29 18.22 30.07
CA LYS B 417 -20.37 17.96 31.06
C LYS B 417 -19.70 17.43 32.33
N LEU B 418 -18.45 17.86 32.57
CA LEU B 418 -17.61 17.34 33.68
C LEU B 418 -17.59 18.38 34.78
N PHE B 419 -18.78 18.71 35.29
CA PHE B 419 -19.04 19.85 36.18
C PHE B 419 -18.43 19.58 37.54
N HIS B 420 -18.03 18.33 37.80
CA HIS B 420 -17.46 17.88 39.11
C HIS B 420 -15.98 17.44 38.95
N ARG B 421 -15.35 17.80 37.84
CA ARG B 421 -13.91 17.49 37.59
C ARG B 421 -13.13 18.75 37.95
N GLU B 422 -12.13 18.66 38.83
CA GLU B 422 -11.22 19.78 39.15
C GLU B 422 -10.42 20.21 37.91
N VAL B 423 -10.04 21.47 37.82
CA VAL B 423 -9.31 22.06 36.65
C VAL B 423 -7.94 21.37 36.48
N ASN B 424 -7.61 20.92 35.27
CA ASN B 424 -6.36 20.17 34.93
C ASN B 424 -6.44 18.72 35.50
N ASP B 425 -7.63 18.28 35.92
CA ASP B 425 -7.95 16.86 36.22
C ASP B 425 -8.48 16.25 34.92
N LEU B 426 -7.64 15.54 34.18
CA LEU B 426 -7.95 15.15 32.77
C LEU B 426 -8.73 13.83 32.77
N GLY B 427 -8.89 13.25 33.94
CA GLY B 427 -9.75 12.07 34.10
C GLY B 427 -9.00 10.80 33.76
N PRO B 428 -9.72 9.67 33.64
CA PRO B 428 -9.10 8.37 33.45
C PRO B 428 -8.62 8.19 32.01
N ILE B 429 -7.66 9.02 31.61
CA ILE B 429 -7.00 9.03 30.28
C ILE B 429 -5.80 8.05 30.25
N TYR B 430 -4.90 8.19 29.27
CA TYR B 430 -3.81 7.23 28.96
C TYR B 430 -3.19 6.60 30.23
N GLY B 431 -2.45 7.40 31.01
CA GLY B 431 -1.77 7.00 32.23
C GLY B 431 -2.63 6.14 33.12
N PHE B 432 -3.87 6.53 33.38
CA PHE B 432 -4.79 5.82 34.33
C PHE B 432 -5.19 4.46 33.80
N GLN B 433 -5.41 4.37 32.48
CA GLN B 433 -5.83 3.17 31.72
C GLN B 433 -4.65 2.21 31.55
N TRP B 434 -3.46 2.74 31.33
CA TRP B 434 -2.23 1.92 31.14
C TRP B 434 -1.89 1.13 32.40
N ARG B 435 -2.19 1.66 33.59
CA ARG B 435 -1.75 1.05 34.87
C ARG B 435 -2.93 0.63 35.75
N HIS B 436 -4.18 1.05 35.47
CA HIS B 436 -5.33 0.80 36.38
C HIS B 436 -6.64 0.62 35.61
N PHE B 437 -6.61 0.14 34.36
CA PHE B 437 -7.81 -0.20 33.53
C PHE B 437 -8.80 -0.95 34.42
N GLY B 438 -9.99 -0.38 34.63
CA GLY B 438 -11.13 -1.05 35.25
C GLY B 438 -11.38 -0.54 36.64
N ALA B 439 -10.34 0.04 37.25
CA ALA B 439 -10.50 0.78 38.51
C ALA B 439 -11.55 1.88 38.31
N GLU B 440 -12.09 2.37 39.42
CA GLU B 440 -13.07 3.48 39.40
C GLU B 440 -12.25 4.74 39.64
N TYR B 441 -12.13 5.62 38.64
CA TYR B 441 -11.47 6.94 38.77
C TYR B 441 -12.17 7.76 39.84
N THR B 442 -11.38 8.31 40.76
CA THR B 442 -11.82 9.25 41.83
C THR B 442 -11.38 10.65 41.38
N ASN B 443 -10.13 11.00 41.67
CA ASN B 443 -9.47 12.28 41.26
C ASN B 443 -8.01 12.02 40.89
N MET B 444 -7.31 13.03 40.38
CA MET B 444 -5.91 12.85 39.89
C MET B 444 -4.93 12.62 41.04
N TYR B 445 -5.30 12.77 42.31
CA TYR B 445 -4.34 12.64 43.43
C TYR B 445 -4.42 11.28 44.12
N ASP B 446 -5.50 10.54 43.92
CA ASP B 446 -5.72 9.25 44.63
C ASP B 446 -4.58 8.28 44.29
N ASN B 447 -4.14 7.50 45.28
CA ASN B 447 -3.27 6.31 45.12
C ASN B 447 -4.15 5.13 44.65
N TYR B 448 -3.94 4.63 43.43
CA TYR B 448 -4.72 3.52 42.84
C TYR B 448 -3.88 2.22 42.90
N GLU B 449 -2.71 2.29 43.56
CA GLU B 449 -1.79 1.15 43.81
C GLU B 449 -2.58 -0.15 43.98
N ASN B 450 -2.39 -1.09 43.04
CA ASN B 450 -2.88 -2.50 43.07
C ASN B 450 -4.35 -2.58 42.63
N LYS B 451 -4.99 -1.47 42.25
CA LYS B 451 -6.37 -1.46 41.71
C LYS B 451 -6.36 -1.31 40.19
N GLY B 452 -7.20 -2.08 39.50
CA GLY B 452 -7.35 -2.14 38.04
C GLY B 452 -6.19 -2.88 37.40
N VAL B 453 -6.26 -3.13 36.10
CA VAL B 453 -5.26 -3.99 35.39
C VAL B 453 -4.05 -3.13 35.00
N ASP B 454 -2.86 -3.53 35.46
CA ASP B 454 -1.56 -2.90 35.13
C ASP B 454 -1.09 -3.48 33.79
N GLN B 455 -1.57 -2.87 32.71
CA GLN B 455 -1.46 -3.34 31.32
C GLN B 455 -0.02 -3.15 30.84
N LEU B 456 0.56 -2.02 31.19
CA LEU B 456 1.96 -1.74 30.82
C LEU B 456 2.81 -2.90 31.35
N LYS B 457 2.69 -3.19 32.64
CA LYS B 457 3.44 -4.28 33.32
C LYS B 457 3.25 -5.58 32.52
N ASN B 458 2.00 -5.86 32.16
CA ASN B 458 1.51 -7.13 31.59
C ASN B 458 2.07 -7.34 30.16
N ILE B 459 2.25 -6.27 29.38
CA ILE B 459 2.71 -6.41 27.97
C ILE B 459 4.21 -6.66 27.99
N ILE B 460 4.91 -6.02 28.91
CA ILE B 460 6.36 -6.19 29.14
C ILE B 460 6.67 -7.62 29.62
N ASN B 461 5.83 -8.13 30.50
CA ASN B 461 5.88 -9.53 30.98
C ASN B 461 5.62 -10.47 29.81
N LEU B 462 4.67 -10.11 28.92
CA LEU B 462 4.27 -10.97 27.79
C LEU B 462 5.39 -10.96 26.76
N ILE B 463 5.92 -9.79 26.44
CA ILE B 463 7.12 -9.70 25.55
C ILE B 463 8.17 -10.67 26.10
N LYS B 464 8.40 -10.63 27.41
CA LYS B 464 9.49 -11.37 28.11
C LYS B 464 9.17 -12.88 28.17
N ASN B 465 8.01 -13.27 28.70
CA ASN B 465 7.70 -14.70 28.99
C ASN B 465 6.95 -15.35 27.81
N ASP B 466 6.29 -14.58 26.93
CA ASP B 466 5.50 -15.15 25.80
C ASP B 466 5.73 -14.34 24.52
N PRO B 467 6.97 -14.26 23.98
CA PRO B 467 7.22 -13.39 22.83
C PRO B 467 6.20 -13.62 21.70
N THR B 468 5.84 -14.88 21.44
CA THR B 468 5.05 -15.28 20.25
C THR B 468 3.53 -15.15 20.46
N SER B 469 3.10 -14.66 21.63
CA SER B 469 1.70 -14.27 21.95
C SER B 469 1.17 -13.23 20.94
N ARG B 470 -0.12 -13.34 20.61
CA ARG B 470 -0.81 -12.40 19.68
C ARG B 470 -1.84 -11.59 20.46
N ARG B 471 -1.65 -11.49 21.78
CA ARG B 471 -2.56 -10.86 22.76
C ARG B 471 -1.86 -9.69 23.44
N ILE B 472 -0.73 -9.26 22.89
CA ILE B 472 0.14 -8.20 23.50
C ILE B 472 -0.36 -6.86 22.99
N LEU B 473 -1.43 -6.37 23.62
CA LEU B 473 -2.02 -5.04 23.34
C LEU B 473 -1.93 -4.17 24.58
N LEU B 474 -1.79 -2.88 24.36
CA LEU B 474 -1.90 -1.79 25.36
C LEU B 474 -3.00 -0.91 24.80
N CYS B 475 -4.18 -0.97 25.41
CA CYS B 475 -5.45 -0.35 24.97
C CYS B 475 -5.87 0.74 25.97
N ALA B 476 -5.94 1.98 25.50
CA ALA B 476 -6.32 3.20 26.23
C ALA B 476 -7.80 3.53 26.01
N TRP B 477 -8.47 2.88 25.06
CA TRP B 477 -9.91 3.13 24.78
C TRP B 477 -10.79 2.25 25.67
N ASN B 478 -10.87 2.59 26.96
CA ASN B 478 -11.81 1.99 27.94
C ASN B 478 -13.17 2.67 27.76
N VAL B 479 -14.14 1.92 27.24
CA VAL B 479 -15.48 2.37 26.76
C VAL B 479 -16.35 2.89 27.94
N LYS B 480 -16.18 2.29 29.11
CA LYS B 480 -16.92 2.60 30.34
C LYS B 480 -16.45 3.95 30.88
N ASP B 481 -15.26 4.40 30.47
CA ASP B 481 -14.53 5.53 31.08
C ASP B 481 -14.49 6.71 30.09
N LEU B 482 -14.81 6.51 28.82
CA LEU B 482 -14.70 7.58 27.77
C LEU B 482 -15.24 8.92 28.29
N ASP B 483 -16.50 8.94 28.73
CA ASP B 483 -17.24 10.18 29.12
C ASP B 483 -16.56 10.90 30.29
N GLN B 484 -15.84 10.17 31.14
CA GLN B 484 -15.09 10.69 32.31
C GLN B 484 -13.78 11.36 31.83
N MET B 485 -13.29 11.04 30.63
CA MET B 485 -12.00 11.57 30.10
C MET B 485 -12.19 12.99 29.55
N ALA B 486 -11.20 13.87 29.74
CA ALA B 486 -11.27 15.25 29.19
C ALA B 486 -11.61 15.10 27.71
N LEU B 487 -10.91 14.18 27.04
CA LEU B 487 -11.32 13.68 25.71
C LEU B 487 -10.85 12.23 25.54
N PRO B 488 -11.62 11.41 24.79
CA PRO B 488 -11.23 10.04 24.43
C PRO B 488 -9.88 9.95 23.73
N PRO B 489 -9.11 8.86 23.95
CA PRO B 489 -7.75 8.78 23.40
C PRO B 489 -7.71 8.83 21.87
N CYS B 490 -6.98 9.78 21.29
CA CYS B 490 -6.74 9.82 19.82
C CYS B 490 -5.99 8.51 19.44
N HIS B 491 -5.12 7.99 20.31
CA HIS B 491 -4.31 6.76 20.03
C HIS B 491 -4.89 5.53 20.76
N ILE B 492 -5.60 4.68 20.01
CA ILE B 492 -6.48 3.63 20.58
C ILE B 492 -5.61 2.62 21.31
N LEU B 493 -4.67 2.00 20.61
CA LEU B 493 -3.98 0.79 21.10
C LEU B 493 -2.58 0.69 20.48
N CYS B 494 -1.65 0.08 21.23
CA CYS B 494 -0.37 -0.42 20.72
C CYS B 494 -0.41 -1.97 20.64
N GLN B 495 -0.04 -2.57 19.52
CA GLN B 495 0.19 -4.02 19.45
C GLN B 495 1.67 -4.27 19.16
N PHE B 496 2.23 -5.31 19.80
CA PHE B 496 3.67 -5.68 19.81
C PHE B 496 3.84 -7.06 19.18
N TYR B 497 4.85 -7.21 18.36
CA TYR B 497 5.27 -8.45 17.65
C TYR B 497 6.76 -8.62 17.99
N VAL B 498 7.14 -9.81 18.41
CA VAL B 498 8.55 -10.17 18.68
C VAL B 498 8.96 -11.22 17.65
N PHE B 499 10.08 -11.02 16.95
CA PHE B 499 10.71 -12.06 16.12
C PHE B 499 12.24 -11.90 16.10
N ASP B 500 12.94 -13.01 16.31
CA ASP B 500 14.43 -13.09 16.25
C ASP B 500 15.00 -11.93 17.07
N GLY B 501 14.61 -11.85 18.34
CA GLY B 501 15.14 -10.85 19.30
C GLY B 501 14.84 -9.42 18.90
N LYS B 502 13.84 -9.19 18.03
CA LYS B 502 13.47 -7.83 17.53
C LYS B 502 11.97 -7.58 17.82
N LEU B 503 11.64 -6.32 18.19
CA LEU B 503 10.29 -5.84 18.63
C LEU B 503 9.74 -4.87 17.60
N SER B 504 8.60 -5.17 17.00
CA SER B 504 7.85 -4.22 16.12
C SER B 504 6.57 -3.77 16.84
N CYS B 505 6.08 -2.57 16.55
CA CYS B 505 4.89 -1.97 17.23
C CYS B 505 3.90 -1.41 16.19
N ILE B 506 2.63 -1.81 16.27
CA ILE B 506 1.50 -1.13 15.58
C ILE B 506 0.84 -0.20 16.59
N MET B 507 0.58 1.05 16.17
CA MET B 507 -0.32 1.98 16.87
C MET B 507 -1.43 2.40 15.89
N TYR B 508 -2.66 2.06 16.25
CA TYR B 508 -3.87 2.47 15.52
C TYR B 508 -4.33 3.80 16.12
N GLN B 509 -4.43 4.80 15.24
CA GLN B 509 -4.85 6.17 15.63
C GLN B 509 -6.22 6.40 14.98
N ARG B 510 -7.23 6.77 15.76
CA ARG B 510 -8.62 6.95 15.27
C ARG B 510 -8.76 8.29 14.53
N SER B 511 -8.07 9.35 14.97
CA SER B 511 -8.25 10.75 14.48
C SER B 511 -6.89 11.45 14.34
N CYS B 512 -6.49 11.73 13.10
CA CYS B 512 -5.12 12.08 12.66
C CYS B 512 -5.13 13.45 12.02
N ASP B 513 -4.60 14.45 12.73
CA ASP B 513 -4.27 15.79 12.17
C ASP B 513 -2.90 15.65 11.50
N LEU B 514 -2.88 15.57 10.17
CA LEU B 514 -1.67 15.23 9.39
C LEU B 514 -0.68 16.39 9.44
N GLY B 515 -1.20 17.63 9.44
CA GLY B 515 -0.41 18.88 9.42
C GLY B 515 0.40 19.14 10.69
N LEU B 516 -0.16 18.84 11.87
CA LEU B 516 0.40 19.29 13.18
C LEU B 516 0.75 18.09 14.07
N GLY B 517 -0.22 17.22 14.35
CA GLY B 517 -0.14 16.27 15.46
C GLY B 517 0.56 15.00 15.09
N VAL B 518 0.42 14.57 13.83
CA VAL B 518 0.90 13.25 13.33
C VAL B 518 2.43 13.19 13.32
N PRO B 519 3.14 14.28 12.98
CA PRO B 519 4.60 14.28 13.08
C PRO B 519 5.06 13.85 14.47
N PHE B 520 4.53 14.50 15.51
CA PHE B 520 4.74 14.19 16.96
C PHE B 520 4.29 12.75 17.27
N ASN B 521 3.14 12.35 16.73
CA ASN B 521 2.59 11.01 17.00
C ASN B 521 3.64 9.96 16.57
N ILE B 522 4.20 10.15 15.37
CA ILE B 522 5.23 9.23 14.77
C ILE B 522 6.46 9.16 15.68
N ALA B 523 6.97 10.30 16.18
CA ALA B 523 8.12 10.37 17.11
C ALA B 523 7.75 9.76 18.47
N SER B 524 6.71 10.29 19.08
CA SER B 524 6.29 9.89 20.45
C SER B 524 6.20 8.35 20.52
N TYR B 525 5.54 7.68 19.57
CA TYR B 525 5.34 6.21 19.62
C TYR B 525 6.58 5.47 19.14
N SER B 526 7.39 6.08 18.28
CA SER B 526 8.70 5.50 17.86
C SER B 526 9.59 5.37 19.09
N ILE B 527 9.68 6.43 19.89
CA ILE B 527 10.39 6.45 21.20
C ILE B 527 9.86 5.27 22.02
N PHE B 528 8.54 5.19 22.20
CA PHE B 528 7.89 4.22 23.12
C PHE B 528 8.41 2.83 22.79
N THR B 529 8.45 2.50 21.50
CA THR B 529 8.94 1.19 20.97
C THR B 529 10.37 0.94 21.46
N HIS B 530 11.28 1.89 21.22
CA HIS B 530 12.69 1.89 21.71
C HIS B 530 12.67 1.64 23.21
N MET B 531 11.88 2.42 23.95
CA MET B 531 11.80 2.26 25.43
C MET B 531 11.38 0.81 25.73
N ILE B 532 10.22 0.36 25.25
CA ILE B 532 9.73 -1.02 25.55
C ILE B 532 10.82 -2.02 25.13
N ALA B 533 11.48 -1.79 24.00
CA ALA B 533 12.44 -2.77 23.43
C ALA B 533 13.63 -2.95 24.40
N GLN B 534 14.12 -1.85 24.96
CA GLN B 534 15.35 -1.85 25.76
C GLN B 534 15.08 -2.56 27.10
N VAL B 535 13.99 -2.22 27.78
CA VAL B 535 13.64 -2.86 29.08
C VAL B 535 13.35 -4.36 28.87
N CYS B 536 13.03 -4.78 27.65
CA CYS B 536 12.73 -6.19 27.30
C CYS B 536 13.93 -6.92 26.67
N ASN B 537 15.09 -6.27 26.62
CA ASN B 537 16.34 -6.75 25.95
C ASN B 537 16.04 -7.22 24.53
N LEU B 538 15.48 -6.32 23.73
CA LEU B 538 15.15 -6.51 22.30
C LEU B 538 15.61 -5.27 21.50
N GLN B 539 15.65 -5.45 20.18
CA GLN B 539 16.10 -4.45 19.18
C GLN B 539 14.88 -3.83 18.49
N PRO B 540 14.73 -2.50 18.48
CA PRO B 540 13.60 -1.89 17.79
C PRO B 540 13.66 -2.37 16.35
N ALA B 541 12.57 -2.90 15.80
CA ALA B 541 12.41 -3.12 14.35
C ALA B 541 11.43 -2.07 13.80
N GLN B 542 10.19 -2.44 13.52
CA GLN B 542 9.27 -1.53 12.81
C GLN B 542 8.37 -0.84 13.82
N PHE B 543 8.17 0.47 13.68
CA PHE B 543 6.95 1.16 14.16
C PHE B 543 5.98 1.25 12.99
N ILE B 544 4.74 0.81 13.20
CA ILE B 544 3.68 0.79 12.15
C ILE B 544 2.52 1.69 12.59
N HIS B 545 2.25 2.72 11.83
CA HIS B 545 1.26 3.77 12.13
C HIS B 545 0.04 3.49 11.27
N VAL B 546 -1.09 3.16 11.89
CA VAL B 546 -2.39 2.97 11.20
C VAL B 546 -3.25 4.22 11.45
N LEU B 547 -3.66 4.88 10.38
CA LEU B 547 -4.49 6.11 10.50
C LEU B 547 -5.95 5.72 10.20
N GLY B 548 -6.86 6.10 11.08
CA GLY B 548 -8.31 6.01 10.83
C GLY B 548 -8.80 7.22 10.04
N ASN B 549 -9.61 8.05 10.66
CA ASN B 549 -9.96 9.40 10.13
C ASN B 549 -8.66 10.21 10.06
N ALA B 550 -8.17 10.40 8.82
CA ALA B 550 -6.93 11.11 8.46
C ALA B 550 -7.29 12.45 7.83
N HIS B 551 -6.94 13.57 8.45
CA HIS B 551 -7.36 14.89 7.93
C HIS B 551 -6.19 15.89 7.89
N VAL B 552 -6.29 16.73 6.88
CA VAL B 552 -5.58 18.02 6.77
C VAL B 552 -6.62 19.07 7.08
N TYR B 553 -6.31 20.01 7.98
CA TYR B 553 -7.12 21.24 8.21
C TYR B 553 -6.90 22.11 6.98
N ASN B 554 -7.98 22.70 6.47
CA ASN B 554 -7.96 23.62 5.30
C ASN B 554 -6.91 24.72 5.52
N ASN B 555 -6.79 25.28 6.71
CA ASN B 555 -5.86 26.44 6.91
C ASN B 555 -4.46 25.93 7.22
N HIS B 556 -4.16 24.65 6.95
CA HIS B 556 -2.77 24.11 6.93
C HIS B 556 -2.28 24.04 5.48
N ILE B 557 -3.18 24.18 4.50
CA ILE B 557 -2.93 23.74 3.10
C ILE B 557 -1.72 24.48 2.55
N ASP B 558 -1.68 25.80 2.62
CA ASP B 558 -0.54 26.57 2.06
C ASP B 558 0.77 26.01 2.65
N SER B 559 0.82 25.83 3.98
CA SER B 559 1.99 25.38 4.76
C SER B 559 2.48 24.03 4.25
N LEU B 560 1.56 23.08 4.06
CA LEU B 560 1.90 21.71 3.63
C LEU B 560 2.42 21.72 2.19
N LYS B 561 1.81 22.54 1.32
CA LYS B 561 2.25 22.80 -0.08
C LYS B 561 3.73 23.21 -0.04
N ILE B 562 4.10 24.07 0.90
CA ILE B 562 5.52 24.48 1.07
C ILE B 562 6.33 23.20 1.39
N GLN B 563 5.86 22.40 2.34
CA GLN B 563 6.57 21.22 2.89
C GLN B 563 6.76 20.18 1.78
N LEU B 564 5.76 20.08 0.90
CA LEU B 564 5.72 19.00 -0.12
C LEU B 564 6.85 19.21 -1.15
N ASN B 565 7.36 20.43 -1.31
CA ASN B 565 8.45 20.82 -2.25
C ASN B 565 9.81 20.86 -1.54
N ARG B 566 9.86 20.65 -0.23
CA ARG B 566 11.16 20.46 0.49
C ARG B 566 11.55 18.98 0.37
N ILE B 567 12.84 18.74 0.25
CA ILE B 567 13.40 17.38 -0.05
C ILE B 567 14.00 16.84 1.24
N PRO B 568 13.47 15.71 1.73
CA PRO B 568 13.85 15.22 3.06
C PRO B 568 15.37 15.05 3.15
N TYR B 569 15.95 15.37 4.33
CA TYR B 569 17.32 15.00 4.73
C TYR B 569 17.40 13.56 5.25
N PRO B 570 18.62 13.03 5.41
CA PRO B 570 18.83 11.81 6.20
C PRO B 570 18.31 11.99 7.64
N PHE B 571 17.72 10.93 8.16
CA PHE B 571 17.03 10.91 9.48
C PHE B 571 18.08 10.90 10.57
N PRO B 572 17.77 11.44 11.77
CA PRO B 572 18.67 11.36 12.91
C PRO B 572 18.65 9.96 13.56
N THR B 573 19.35 9.79 14.68
CA THR B 573 19.24 8.61 15.55
C THR B 573 18.78 9.04 16.94
N LEU B 574 18.26 8.07 17.70
CA LEU B 574 17.83 8.18 19.11
C LEU B 574 18.79 7.34 19.95
N LYS B 575 19.55 7.98 20.84
CA LYS B 575 20.42 7.29 21.82
C LYS B 575 19.73 7.32 23.18
N LEU B 576 19.16 6.18 23.60
CA LEU B 576 18.67 5.94 24.97
C LEU B 576 19.84 5.54 25.85
N ASN B 577 19.97 6.22 26.99
CA ASN B 577 20.81 5.80 28.13
C ASN B 577 20.70 4.28 28.27
N PRO B 578 21.74 3.53 27.89
CA PRO B 578 21.66 2.07 27.89
C PRO B 578 21.36 1.44 29.25
N ASP B 579 21.54 2.18 30.35
CA ASP B 579 21.47 1.67 31.75
C ASP B 579 20.03 1.46 32.23
N ILE B 580 19.04 2.11 31.61
CA ILE B 580 17.65 2.16 32.14
C ILE B 580 16.95 0.86 31.71
N LYS B 581 16.44 0.13 32.71
CA LYS B 581 15.95 -1.26 32.53
C LYS B 581 14.56 -1.45 33.15
N ASN B 582 14.04 -0.48 33.90
CA ASN B 582 12.58 -0.41 34.17
C ASN B 582 11.95 0.62 33.24
N ILE B 583 10.83 0.27 32.64
CA ILE B 583 10.00 1.23 31.86
C ILE B 583 9.77 2.50 32.71
N GLU B 584 9.78 2.36 34.03
CA GLU B 584 9.38 3.43 34.97
C GLU B 584 10.63 4.23 35.39
N ASP B 585 11.83 3.85 34.99
CA ASP B 585 13.09 4.44 35.52
C ASP B 585 13.65 5.50 34.54
N PHE B 586 13.01 5.73 33.38
CA PHE B 586 13.47 6.72 32.39
C PHE B 586 13.25 8.13 32.90
N THR B 587 14.14 9.06 32.50
CA THR B 587 14.06 10.51 32.78
C THR B 587 14.55 11.29 31.56
N ILE B 588 14.11 12.53 31.40
CA ILE B 588 14.30 13.31 30.15
C ILE B 588 15.74 13.17 29.63
N SER B 589 16.73 13.12 30.54
CA SER B 589 18.18 13.12 30.24
C SER B 589 18.63 11.81 29.58
N ASP B 590 17.84 10.73 29.71
CA ASP B 590 18.14 9.39 29.14
C ASP B 590 17.87 9.37 27.63
N PHE B 591 17.54 10.51 27.00
CA PHE B 591 17.07 10.60 25.58
C PHE B 591 17.84 11.69 24.83
N THR B 592 18.66 11.28 23.88
CA THR B 592 19.38 12.22 22.99
C THR B 592 18.97 11.87 21.56
N ILE B 593 18.42 12.84 20.81
CA ILE B 593 18.33 12.72 19.33
C ILE B 593 19.71 13.16 18.80
N GLN B 594 20.15 12.62 17.67
CA GLN B 594 21.57 12.71 17.24
C GLN B 594 21.68 12.89 15.73
N ASN B 595 22.38 13.94 15.31
CA ASN B 595 22.61 14.34 13.89
C ASN B 595 21.27 14.77 13.27
N TYR B 596 20.41 15.50 13.98
CA TYR B 596 19.08 15.88 13.47
C TYR B 596 19.22 17.09 12.54
N VAL B 597 19.20 16.81 11.22
CA VAL B 597 19.27 17.84 10.14
C VAL B 597 17.89 18.01 9.52
N HIS B 598 17.45 19.27 9.36
CA HIS B 598 16.05 19.66 9.02
C HIS B 598 15.98 21.03 8.35
N HIS B 599 14.94 21.22 7.52
CA HIS B 599 14.56 22.52 6.90
C HIS B 599 14.13 23.46 8.01
N GLU B 600 14.04 24.77 7.70
CA GLU B 600 13.55 25.85 8.61
C GLU B 600 12.17 25.42 9.16
N LYS B 601 11.79 25.91 10.33
CA LYS B 601 10.48 25.62 10.97
C LYS B 601 9.36 26.23 10.12
N ILE B 602 8.18 25.60 10.14
CA ILE B 602 6.94 26.06 9.43
C ILE B 602 5.82 26.32 10.43
N SER B 603 5.12 27.43 10.29
CA SER B 603 3.90 27.76 11.09
C SER B 603 2.67 27.27 10.32
N MET B 604 2.19 26.07 10.65
CA MET B 604 1.09 25.42 9.89
C MET B 604 0.00 26.47 9.69
N ASP B 605 -0.22 27.33 10.68
CA ASP B 605 -0.65 28.75 10.55
C ASP B 605 -1.18 29.29 11.89
PA NDP C . -23.38 -12.56 -36.24
O1A NDP C . -22.15 -13.39 -36.11
O2A NDP C . -23.32 -11.14 -35.78
O5B NDP C . -23.88 -12.45 -37.76
C5B NDP C . -23.65 -13.54 -38.69
C4B NDP C . -24.06 -13.11 -40.12
O4B NDP C . -23.06 -12.20 -40.53
C3B NDP C . -23.99 -14.27 -41.18
O3B NDP C . -25.26 -14.88 -41.46
C2B NDP C . -23.58 -13.52 -42.38
O2B NDP C . -24.66 -12.62 -42.79
C1B NDP C . -22.48 -12.71 -41.81
N9A NDP C . -21.18 -13.48 -41.75
C8A NDP C . -20.57 -14.09 -40.74
N7A NDP C . -19.43 -14.62 -41.20
C5A NDP C . -19.35 -14.32 -42.52
C6A NDP C . -18.42 -14.61 -43.49
N6A NDP C . -17.33 -15.32 -43.17
N1A NDP C . -18.58 -14.20 -44.74
C2A NDP C . -19.71 -13.44 -45.07
N3A NDP C . -20.64 -13.17 -44.08
C4A NDP C . -20.44 -13.62 -42.83
O3 NDP C . -24.73 -13.27 -35.59
PN NDP C . -24.88 -14.11 -34.16
O1N NDP C . -26.41 -14.35 -34.37
O2N NDP C . -23.80 -15.04 -34.59
O5D NDP C . -24.49 -12.69 -33.43
C5D NDP C . -25.55 -11.68 -33.24
C4D NDP C . -26.11 -11.90 -31.83
O4D NDP C . -25.03 -11.64 -30.87
C3D NDP C . -27.19 -10.87 -31.44
O3D NDP C . -28.03 -11.45 -30.41
C2D NDP C . -26.35 -9.69 -30.89
O2D NDP C . -27.10 -8.79 -30.01
C1D NDP C . -25.33 -10.42 -30.11
N1N NDP C . -24.00 -9.79 -30.01
C2N NDP C . -23.43 -9.81 -28.74
C3N NDP C . -22.16 -9.35 -28.45
C7N NDP C . -21.70 -9.35 -27.12
O7N NDP C . -20.60 -8.93 -26.84
N7N NDP C . -22.52 -9.81 -26.15
C4N NDP C . -21.37 -8.89 -29.50
C5N NDP C . -21.99 -8.93 -30.81
C6N NDP C . -23.26 -9.39 -31.08
P2B NDP C . -25.65 -12.98 -44.00
O1X NDP C . -26.77 -13.71 -43.35
O2X NDP C . -26.00 -11.62 -44.52
O3X NDP C . -24.82 -13.85 -44.89
H51A NDP C . -24.18 -14.32 -38.42
H52A NDP C . -22.69 -13.78 -38.68
H4B NDP C . -24.94 -12.67 -40.17
H3B NDP C . -23.30 -14.93 -40.94
HO3A NDP C . -25.50 -14.69 -42.25
H2B NDP C . -23.36 -14.14 -43.12
H1B NDP C . -22.27 -11.97 -42.42
H8A NDP C . -20.84 -14.16 -39.84
H61A NDP C . -16.74 -15.51 -43.78
H62A NDP C . -17.22 -15.61 -42.35
H2A NDP C . -19.76 -13.15 -45.97
H51N NDP C . -26.25 -11.79 -33.93
H52N NDP C . -25.16 -10.77 -33.33
H4D NDP C . -26.39 -12.83 -31.75
H3D NDP C . -27.71 -10.59 -32.23
HO3N NDP C . -28.62 -10.88 -30.20
H2D NDP C . -25.96 -9.18 -31.65
HO2N NDP C . -26.59 -8.17 -29.74
H1D NDP C . -25.71 -10.65 -29.23
H2N NDP C . -23.97 -10.16 -28.06
H71N NDP C . -23.32 -10.11 -26.36
H72N NDP C . -22.25 -9.81 -25.32
H41N NDP C . -20.56 -9.43 -29.55
H42N NDP C . -21.14 -7.95 -29.32
H5N NDP C . -21.43 -8.62 -31.52
H6N NDP C . -23.63 -9.43 -31.94
C4 GEX D . -24.18 -1.55 -29.97
C5 GEX D . -23.77 -1.27 -28.68
C6 GEX D . -22.97 -2.16 -28.00
C11 GEX D . -20.55 -3.82 -27.10
C7 GEX D . -22.55 -3.36 -28.58
C8 GEX D . -22.02 -5.66 -27.67
C9 GEX D . -22.15 -5.97 -26.19
C10 GEX D . -20.73 -4.13 -25.64
N1 GEX D . -21.73 -4.24 -27.86
N2 GEX D . -20.97 -5.56 -25.44
C3 GEX D . -23.76 -2.72 -30.58
C1 GEX D . -20.72 -5.11 -30.61
S1 GEX D . -22.49 -5.09 -30.80
C2 GEX D . -22.95 -3.64 -29.90
H5 GEX D . -24.72 -0.95 -30.44
H6 GEX D . -24.05 -0.46 -28.28
H7 GEX D . -22.71 -1.95 -27.12
H16 GEX D . -19.75 -4.30 -27.46
H15 GEX D . -20.40 -2.86 -27.23
H8 GEX D . -22.86 -5.89 -28.14
H9 GEX D . -21.28 -6.20 -28.05
H11 GEX D . -22.93 -5.48 -25.83
H10 GEX D . -22.29 -6.94 -26.06
H13 GEX D . -19.90 -3.88 -25.15
H14 GEX D . -21.50 -3.62 -25.29
H12 GEX D . -20.63 -6.26 -25.01
H4 GEX D . -24.03 -2.92 -31.46
H1 GEX D . -20.45 -5.93 -30.17
H2 GEX D . -20.44 -4.34 -30.08
H3 GEX D . -20.30 -5.06 -31.50
P PO4 E . -5.08 -16.51 19.37
O1 PO4 E . -5.81 -15.96 20.62
O2 PO4 E . -6.10 -17.10 18.39
O3 PO4 E . -4.14 -17.59 19.84
O4 PO4 E . -4.30 -15.41 18.63
PA NDP F . 42.07 15.48 -6.34
O1A NDP F . 41.40 16.77 -6.64
O2A NDP F . 41.37 14.21 -6.60
O5B NDP F . 43.44 15.38 -7.28
C5B NDP F . 43.83 16.41 -8.25
C4B NDP F . 45.25 16.17 -8.86
O4B NDP F . 45.22 16.14 -10.32
C3B NDP F . 46.26 17.29 -8.51
O3B NDP F . 47.16 16.86 -7.47
C2B NDP F . 47.05 17.50 -9.76
O2B NDP F . 48.11 16.53 -9.77
C1B NDP F . 46.08 17.19 -10.87
N9A NDP F . 45.32 18.40 -11.35
C8A NDP F . 44.49 19.19 -10.66
N7A NDP F . 44.02 20.12 -11.49
C5A NDP F . 44.55 19.91 -12.69
C6A NDP F . 44.40 20.55 -13.84
N6A NDP F . 43.60 21.60 -13.82
N1A NDP F . 45.03 20.17 -14.97
C2A NDP F . 45.86 19.06 -14.92
N3A NDP F . 46.00 18.40 -13.69
C4A NDP F . 45.35 18.84 -12.61
O3 NDP F . 42.62 15.53 -4.79
PN NDP F . 41.77 16.14 -3.48
O1N NDP F . 42.81 15.94 -2.45
O2N NDP F . 41.62 17.40 -4.27
O5D NDP F . 40.93 14.72 -3.75
C5D NDP F . 40.86 13.53 -2.89
C4D NDP F . 40.63 13.86 -1.40
O4D NDP F . 39.27 13.47 -1.02
C3D NDP F . 41.40 12.95 -0.46
O3D NDP F . 41.19 13.43 0.88
C2D NDP F . 40.71 11.61 -0.70
O2D NDP F . 40.91 10.71 0.39
C1D NDP F . 39.25 12.02 -0.81
N1N NDP F . 38.41 11.26 -1.81
C2N NDP F . 36.99 11.31 -1.68
C3N NDP F . 36.11 10.59 -2.51
C7N NDP F . 34.70 10.63 -2.34
O7N NDP F . 33.95 10.00 -3.08
N7N NDP F . 34.21 11.38 -1.34
C4N NDP F . 36.62 9.77 -3.54
C5N NDP F . 38.01 9.73 -3.66
C6N NDP F . 38.90 10.43 -2.83
P2B NDP F . 49.57 16.79 -10.32
O1X NDP F . 50.36 16.44 -9.12
O2X NDP F . 49.64 15.80 -11.40
O3X NDP F . 49.67 18.22 -10.70
H51A NDP F . 43.83 17.26 -7.74
H52A NDP F . 43.18 16.44 -9.00
H4B NDP F . 45.60 15.31 -8.53
H3B NDP F . 45.75 18.12 -8.27
HO3A NDP F . 47.94 16.82 -7.79
H2B NDP F . 47.43 18.41 -9.81
H1B NDP F . 46.57 16.85 -11.65
H8A NDP F . 44.26 19.14 -9.75
H61A NDP F . 43.46 22.07 -14.55
H62A NDP F . 43.19 21.84 -13.07
H2A NDP F . 46.27 18.83 -15.74
H51N NDP F . 41.71 13.02 -2.95
H52N NDP F . 40.12 12.95 -3.18
H4D NDP F . 40.72 14.83 -1.28
H3D NDP F . 42.35 12.92 -0.73
HO3N NDP F . 41.62 12.93 1.42
H2D NDP F . 41.04 11.20 -1.54
HO2N NDP F . 40.52 9.97 0.22
H1D NDP F . 38.88 11.82 0.09
H2N NDP F . 36.65 11.85 -0.99
H71N NDP F . 34.76 11.82 -0.80
H72N NDP F . 33.34 11.45 -1.21
H41N NDP F . 36.27 10.09 -4.40
H42N NDP F . 36.32 8.84 -3.38
H5N NDP F . 38.35 9.18 -4.37
H6N NDP F . 39.83 10.35 -2.96
#